data_2R84
#
_entry.id   2R84
#
_cell.length_a   123.671
_cell.length_b   123.671
_cell.length_c   375.359
_cell.angle_alpha   90.000
_cell.angle_beta   90.000
_cell.angle_gamma   120.000
#
_symmetry.space_group_name_H-M   'H 3 2'
#
loop_
_entity.id
_entity.type
_entity.pdbx_description
1 polymer 'PurP protein PF1517'
2 non-polymer 'SODIUM ION'
3 non-polymer 'CHLORIDE ION'
4 non-polymer 'ADENOSINE MONOPHOSPHATE'
5 non-polymer 'AMINOIMIDAZOLE 4-CARBOXAMIDE RIBONUCLEOTIDE'
6 non-polymer (4S)-2-METHYL-2,4-PENTANEDIOL
7 water water
#
_entity_poly.entity_id   1
_entity_poly.type   'polypeptide(L)'
_entity_poly.pdbx_seq_one_letter_code
;MKVRIATYASHSALQILKGAKDEGFETIAFGSSKVKPLYTKYFPVADYFIEEKYPEEELLNLNAVVVPTGSFVAHLGIEL
VENMKVPYFGNKRVLRWESDRNLERKWLKKAGIRVPEVYEDPDDIEKPVIVKPHGAKGGKGYFLAKDPEDFWRKAEKFLG
IKRKEDLKNIQIQEYVLGVPVYPHYFYSKVREELELMSIDRRYESNVDAIGRIPAKDQLEFDMDITYTVIGNIPIVLRES
LLMDVIEAGERVVKAAEELMGGLWGPFCLEGVFTPDLEFVVFEISARIVAGTNIFVNGSPYTWLRYDRPVSTGRRIAMEI
REAIENDMLEKVLT
;
_entity_poly.pdbx_strand_id   A,B
#
loop_
_chem_comp.id
_chem_comp.type
_chem_comp.name
_chem_comp.formula
AMP non-polymer 'ADENOSINE MONOPHOSPHATE' 'C10 H14 N5 O7 P'
AMZ non-polymer 'AMINOIMIDAZOLE 4-CARBOXAMIDE RIBONUCLEOTIDE' 'C9 H15 N4 O8 P'
CL non-polymer 'CHLORIDE ION' 'Cl -1'
MPD non-polymer (4S)-2-METHYL-2,4-PENTANEDIOL 'C6 H14 O2'
NA non-polymer 'SODIUM ION' 'Na 1'
#
# COMPACT_ATOMS: atom_id res chain seq x y z
N MET A 1 -0.58 -7.35 -3.58
CA MET A 1 0.82 -7.12 -4.03
C MET A 1 1.39 -8.36 -4.71
N LYS A 2 2.15 -8.13 -5.78
CA LYS A 2 2.88 -9.18 -6.47
C LYS A 2 4.10 -9.56 -5.63
N VAL A 3 4.82 -8.54 -5.16
CA VAL A 3 5.97 -8.71 -4.29
C VAL A 3 5.53 -9.32 -2.94
N ARG A 4 6.26 -10.36 -2.51
CA ARG A 4 6.08 -10.94 -1.18
C ARG A 4 7.28 -10.59 -0.31
N ILE A 5 7.06 -10.50 1.00
CA ILE A 5 8.15 -10.17 1.92
C ILE A 5 8.62 -11.43 2.62
N ALA A 6 9.93 -11.66 2.55
CA ALA A 6 10.53 -12.87 3.11
C ALA A 6 11.65 -12.55 4.09
N THR A 7 11.84 -13.41 5.08
CA THR A 7 13.02 -13.31 5.94
C THR A 7 13.36 -14.65 6.59
N TYR A 8 14.61 -14.75 7.08
CA TYR A 8 15.09 -15.92 7.80
C TYR A 8 14.32 -16.07 9.11
N ALA A 9 14.02 -17.31 9.50
CA ALA A 9 13.17 -17.59 10.65
C ALA A 9 13.93 -17.49 11.98
N SER A 10 14.28 -16.26 12.35
CA SER A 10 14.94 -15.96 13.61
C SER A 10 15.03 -14.44 13.77
N HIS A 11 15.53 -14.00 14.92
CA HIS A 11 15.92 -12.59 15.18
C HIS A 11 14.76 -11.62 15.39
N SER A 12 14.00 -11.36 14.34
CA SER A 12 12.91 -10.38 14.35
C SER A 12 11.87 -10.70 13.28
N ALA A 13 11.86 -11.95 12.82
CA ALA A 13 10.96 -12.42 11.79
C ALA A 13 9.47 -12.29 12.15
N LEU A 14 9.13 -12.48 13.43
CA LEU A 14 7.75 -12.33 13.87
C LEU A 14 7.26 -10.89 13.60
N GLN A 15 8.03 -9.92 14.08
CA GLN A 15 7.74 -8.49 13.88
C GLN A 15 7.71 -8.11 12.40
N ILE A 16 8.72 -8.56 11.66
CA ILE A 16 8.84 -8.23 10.23
C ILE A 16 7.64 -8.75 9.43
N LEU A 17 7.30 -10.02 9.64
CA LEU A 17 6.23 -10.62 8.86
C LEU A 17 4.84 -10.13 9.28
N LYS A 18 4.66 -9.85 10.57
CA LYS A 18 3.42 -9.20 11.02
C LYS A 18 3.26 -7.81 10.38
N GLY A 19 4.35 -7.03 10.36
CA GLY A 19 4.35 -5.72 9.72
C GLY A 19 4.00 -5.80 8.25
N ALA A 20 4.57 -6.81 7.58
CA ALA A 20 4.26 -7.09 6.18
C ALA A 20 2.76 -7.41 5.96
N LYS A 21 2.21 -8.27 6.81
CA LYS A 21 0.78 -8.60 6.76
C LYS A 21 -0.10 -7.37 6.97
N ASP A 22 0.28 -6.53 7.94
CA ASP A 22 -0.44 -5.29 8.22
C ASP A 22 -0.49 -4.35 7.01
N GLU A 23 0.50 -4.45 6.14
CA GLU A 23 0.59 -3.59 4.95
C GLU A 23 0.10 -4.25 3.67
N GLY A 24 -0.45 -5.46 3.77
CA GLY A 24 -1.11 -6.14 2.67
C GLY A 24 -0.23 -7.05 1.82
N PHE A 25 0.92 -7.43 2.36
CA PHE A 25 1.83 -8.35 1.68
C PHE A 25 1.58 -9.77 2.11
N GLU A 26 1.81 -10.72 1.20
CA GLU A 26 1.95 -12.12 1.59
C GLU A 26 3.36 -12.35 2.12
N THR A 27 3.50 -13.28 3.05
CA THR A 27 4.75 -13.43 3.81
C THR A 27 5.38 -14.81 3.69
N ILE A 28 6.71 -14.84 3.76
CA ILE A 28 7.48 -16.08 3.73
C ILE A 28 8.53 -16.09 4.83
N ALA A 29 8.54 -17.14 5.63
CA ALA A 29 9.66 -17.39 6.54
C ALA A 29 10.44 -18.60 6.04
N PHE A 30 11.75 -18.55 6.17
CA PHE A 30 12.58 -19.70 5.81
C PHE A 30 13.63 -19.98 6.89
N GLY A 31 13.75 -21.24 7.27
CA GLY A 31 14.64 -21.62 8.35
C GLY A 31 14.47 -23.06 8.79
N SER A 32 14.82 -23.25 10.06
N SER A 32 14.67 -23.36 10.07
CA SER A 32 14.81 -24.53 10.70
CA SER A 32 14.61 -24.78 10.53
C SER A 32 13.38 -25.01 10.85
C SER A 32 13.19 -25.39 10.66
N SER A 33 13.19 -26.30 10.61
N SER A 33 13.08 -26.72 10.54
CA SER A 33 11.89 -26.96 10.74
CA SER A 33 11.80 -27.40 10.78
C SER A 33 11.38 -26.92 12.18
C SER A 33 11.35 -27.22 12.23
N LYS A 34 12.32 -27.03 13.13
CA LYS A 34 12.03 -26.92 14.57
C LYS A 34 11.21 -25.68 14.94
N VAL A 35 11.45 -24.56 14.25
CA VAL A 35 10.77 -23.31 14.57
C VAL A 35 9.53 -23.00 13.72
N LYS A 36 9.21 -23.87 12.77
CA LYS A 36 8.02 -23.69 11.93
C LYS A 36 6.73 -23.38 12.73
N PRO A 37 6.45 -24.12 13.83
CA PRO A 37 5.25 -23.81 14.61
C PRO A 37 5.20 -22.38 15.16
N LEU A 38 6.35 -21.78 15.48
CA LEU A 38 6.38 -20.42 16.00
C LEU A 38 5.72 -19.42 15.04
N TYR A 39 5.96 -19.63 13.75
CA TYR A 39 5.61 -18.67 12.70
C TYR A 39 4.31 -19.02 11.98
N THR A 40 3.75 -20.18 12.28
CA THR A 40 2.57 -20.68 11.58
C THR A 40 1.43 -21.08 12.51
N LYS A 41 1.76 -21.33 13.78
CA LYS A 41 0.79 -21.79 14.77
C LYS A 41 0.68 -20.81 15.96
N TYR A 42 1.77 -20.65 16.71
CA TYR A 42 1.76 -19.81 17.91
C TYR A 42 1.58 -18.33 17.58
N PHE A 43 2.25 -17.90 16.52
CA PHE A 43 2.04 -16.55 15.96
C PHE A 43 1.97 -16.70 14.44
N PRO A 44 0.76 -16.93 13.90
N PRO A 44 0.74 -16.93 13.91
CA PRO A 44 0.60 -17.24 12.47
CA PRO A 44 0.56 -17.16 12.49
C PRO A 44 0.81 -16.04 11.53
C PRO A 44 0.82 -15.88 11.70
N VAL A 45 2.08 -15.68 11.32
CA VAL A 45 2.47 -14.51 10.53
C VAL A 45 3.08 -14.88 9.18
N ALA A 46 3.42 -16.15 9.00
CA ALA A 46 4.04 -16.62 7.75
C ALA A 46 3.05 -17.42 6.88
N ASP A 47 2.73 -16.89 5.71
CA ASP A 47 1.85 -17.56 4.74
C ASP A 47 2.53 -18.78 4.13
N TYR A 48 3.85 -18.70 3.98
CA TYR A 48 4.67 -19.80 3.50
C TYR A 48 5.81 -20.01 4.47
N PHE A 49 6.10 -21.26 4.79
CA PHE A 49 7.31 -21.60 5.54
C PHE A 49 8.13 -22.60 4.75
N ILE A 50 9.35 -22.21 4.41
CA ILE A 50 10.25 -23.08 3.65
C ILE A 50 11.33 -23.59 4.60
N GLU A 51 11.40 -24.92 4.72
N GLU A 51 11.42 -24.91 4.72
CA GLU A 51 12.32 -25.55 5.66
CA GLU A 51 12.35 -25.54 5.67
C GLU A 51 13.73 -25.71 5.06
C GLU A 51 13.76 -25.68 5.11
N GLU A 52 14.35 -24.57 4.79
N GLU A 52 14.32 -24.55 4.69
CA GLU A 52 15.69 -24.54 4.19
CA GLU A 52 15.68 -24.50 4.15
C GLU A 52 16.42 -23.27 4.62
C GLU A 52 16.41 -23.27 4.67
N LYS A 53 17.74 -23.34 4.70
CA LYS A 53 18.59 -22.23 5.13
C LYS A 53 18.45 -20.99 4.23
N TYR A 54 18.53 -21.22 2.92
CA TYR A 54 18.34 -20.17 1.93
C TYR A 54 17.81 -20.76 0.61
N PRO A 55 16.48 -20.87 0.48
CA PRO A 55 15.86 -21.46 -0.70
C PRO A 55 15.73 -20.46 -1.85
N GLU A 56 16.86 -20.10 -2.46
CA GLU A 56 16.91 -19.07 -3.49
C GLU A 56 15.90 -19.25 -4.62
N GLU A 57 15.88 -20.43 -5.23
CA GLU A 57 14.98 -20.71 -6.36
C GLU A 57 13.50 -20.56 -6.02
N GLU A 58 13.11 -21.08 -4.86
N GLU A 58 13.10 -21.07 -4.85
CA GLU A 58 11.72 -20.97 -4.39
CA GLU A 58 11.72 -20.98 -4.40
C GLU A 58 11.34 -19.52 -4.10
C GLU A 58 11.33 -19.53 -4.08
N LEU A 59 12.27 -18.78 -3.52
CA LEU A 59 12.05 -17.36 -3.21
C LEU A 59 11.90 -16.52 -4.47
N LEU A 60 12.73 -16.79 -5.47
CA LEU A 60 12.59 -16.15 -6.79
C LEU A 60 11.22 -16.45 -7.41
N ASN A 61 10.81 -17.72 -7.35
CA ASN A 61 9.50 -18.13 -7.87
C ASN A 61 8.32 -17.46 -7.17
N LEU A 62 8.48 -17.18 -5.87
CA LEU A 62 7.44 -16.53 -5.07
C LEU A 62 7.51 -14.99 -5.10
N ASN A 63 8.39 -14.46 -5.96
CA ASN A 63 8.57 -13.01 -6.11
C ASN A 63 8.91 -12.33 -4.77
N ALA A 64 9.79 -12.98 -4.00
CA ALA A 64 10.17 -12.48 -2.69
C ALA A 64 11.17 -11.32 -2.75
N VAL A 65 11.05 -10.44 -1.75
CA VAL A 65 12.08 -9.49 -1.39
C VAL A 65 12.51 -9.89 0.01
N VAL A 66 13.82 -10.03 0.24
N VAL A 66 13.81 -10.02 0.24
CA VAL A 66 14.33 -10.43 1.54
CA VAL A 66 14.34 -10.46 1.54
C VAL A 66 14.65 -9.22 2.42
C VAL A 66 14.71 -9.27 2.43
N VAL A 67 14.21 -9.30 3.67
CA VAL A 67 14.54 -8.29 4.68
C VAL A 67 15.66 -8.86 5.56
N PRO A 68 16.84 -8.22 5.55
CA PRO A 68 17.98 -8.73 6.31
C PRO A 68 17.83 -8.47 7.80
N THR A 69 18.43 -9.35 8.61
CA THR A 69 18.42 -9.24 10.06
C THR A 69 19.78 -9.65 10.58
N GLY A 70 19.97 -9.56 11.90
CA GLY A 70 21.20 -10.02 12.54
C GLY A 70 21.54 -11.48 12.34
N SER A 71 20.52 -12.28 12.03
N SER A 71 20.55 -12.28 12.01
CA SER A 71 20.71 -13.69 11.73
CA SER A 71 20.69 -13.72 11.88
C SER A 71 21.39 -13.96 10.37
C SER A 71 20.96 -14.10 10.48
N PHE A 72 21.53 -12.91 9.56
N PHE A 72 19.99 -13.73 9.66
CA PHE A 72 22.11 -13.04 8.22
CA PHE A 72 20.15 -13.95 8.24
C PHE A 72 23.62 -13.24 8.22
C PHE A 72 21.64 -13.83 7.90
N VAL A 73 24.35 -12.34 8.87
N VAL A 73 22.20 -12.66 8.14
CA VAL A 73 25.80 -12.51 9.03
CA VAL A 73 23.59 -12.40 7.80
C VAL A 73 26.08 -13.71 9.93
C VAL A 73 24.57 -13.35 8.51
N ALA A 74 25.25 -13.88 10.95
N ALA A 74 24.42 -13.49 9.82
CA ALA A 74 25.42 -14.95 11.93
CA ALA A 74 25.33 -14.34 10.59
C ALA A 74 25.18 -16.36 11.38
C ALA A 74 25.19 -15.81 10.22
N HIS A 75 24.13 -16.53 10.58
N HIS A 75 24.00 -16.36 10.41
CA HIS A 75 23.71 -17.86 10.14
CA HIS A 75 23.75 -17.78 10.15
C HIS A 75 23.90 -18.20 8.66
C HIS A 75 24.01 -18.17 8.69
N LEU A 76 24.02 -17.18 7.80
CA LEU A 76 24.23 -17.42 6.37
C LEU A 76 25.63 -17.02 5.85
N GLY A 77 26.21 -15.98 6.43
CA GLY A 77 27.56 -15.52 6.07
C GLY A 77 27.53 -14.43 5.01
N ILE A 78 28.45 -13.48 5.12
CA ILE A 78 28.51 -12.32 4.21
C ILE A 78 28.61 -12.71 2.73
N GLU A 79 29.46 -13.70 2.42
CA GLU A 79 29.64 -14.09 1.03
C GLU A 79 28.35 -14.62 0.39
N LEU A 80 27.60 -15.46 1.11
CA LEU A 80 26.30 -15.94 0.64
C LEU A 80 25.36 -14.76 0.36
N VAL A 81 25.27 -13.84 1.32
CA VAL A 81 24.36 -12.69 1.20
C VAL A 81 24.74 -11.80 0.00
N GLU A 82 26.03 -11.49 -0.14
CA GLU A 82 26.51 -10.67 -1.24
C GLU A 82 26.21 -11.27 -2.61
N ASN A 83 26.15 -12.59 -2.67
CA ASN A 83 25.89 -13.30 -3.92
C ASN A 83 24.42 -13.67 -4.17
N MET A 84 23.54 -13.36 -3.23
N MET A 84 23.55 -13.35 -3.22
CA MET A 84 22.14 -13.76 -3.36
CA MET A 84 22.12 -13.65 -3.34
C MET A 84 21.45 -13.08 -4.54
C MET A 84 21.51 -13.07 -4.62
N LYS A 85 20.67 -13.87 -5.28
CA LYS A 85 19.95 -13.42 -6.46
C LYS A 85 18.59 -12.82 -6.12
N VAL A 86 18.07 -13.20 -4.95
CA VAL A 86 16.80 -12.65 -4.45
C VAL A 86 17.03 -11.18 -4.06
N PRO A 87 16.14 -10.27 -4.53
CA PRO A 87 16.20 -8.87 -4.14
C PRO A 87 16.26 -8.67 -2.62
N TYR A 88 17.12 -7.75 -2.21
CA TYR A 88 17.49 -7.54 -0.82
C TYR A 88 17.07 -6.12 -0.41
N PHE A 89 16.30 -6.01 0.67
CA PHE A 89 15.87 -4.68 1.13
C PHE A 89 16.96 -3.98 1.92
N GLY A 90 17.52 -2.94 1.31
CA GLY A 90 18.66 -2.23 1.86
C GLY A 90 19.83 -2.34 0.90
N ASN A 91 20.98 -1.85 1.35
CA ASN A 91 22.20 -1.90 0.55
C ASN A 91 23.10 -3.01 1.09
N LYS A 92 23.27 -4.10 0.33
CA LYS A 92 24.08 -5.20 0.85
C LYS A 92 25.58 -4.90 0.97
N ARG A 93 26.04 -3.81 0.35
CA ARG A 93 27.41 -3.31 0.53
C ARG A 93 27.75 -2.90 1.96
N VAL A 94 26.71 -2.55 2.73
N VAL A 94 26.73 -2.54 2.75
CA VAL A 94 26.89 -2.08 4.11
CA VAL A 94 26.95 -2.06 4.12
C VAL A 94 27.40 -3.19 5.03
C VAL A 94 27.36 -3.19 5.07
N LEU A 95 27.11 -4.44 4.68
CA LEU A 95 27.47 -5.60 5.49
C LEU A 95 28.95 -5.68 5.84
N ARG A 96 29.83 -5.44 4.87
CA ARG A 96 31.27 -5.42 5.14
C ARG A 96 31.66 -4.23 6.01
N TRP A 97 31.05 -3.07 5.72
CA TRP A 97 31.36 -1.83 6.44
C TRP A 97 30.95 -1.86 7.91
N GLU A 98 29.92 -2.63 8.23
CA GLU A 98 29.47 -2.77 9.61
C GLU A 98 30.15 -3.92 10.37
N SER A 99 30.71 -4.88 9.64
N SER A 99 30.69 -4.89 9.64
CA SER A 99 31.28 -6.09 10.23
CA SER A 99 31.29 -6.08 10.25
C SER A 99 32.79 -6.04 10.41
C SER A 99 32.78 -5.92 10.48
N ASP A 100 33.48 -5.38 9.49
CA ASP A 100 34.93 -5.20 9.56
C ASP A 100 35.23 -4.05 10.52
N ARG A 101 35.98 -4.35 11.58
CA ARG A 101 36.27 -3.40 12.65
C ARG A 101 36.87 -2.10 12.14
N ASN A 102 37.81 -2.20 11.20
CA ASN A 102 38.49 -1.04 10.62
C ASN A 102 37.60 -0.22 9.69
N LEU A 103 36.77 -0.88 8.89
CA LEU A 103 35.82 -0.18 8.03
C LEU A 103 34.75 0.52 8.87
N GLU A 104 34.30 -0.16 9.92
CA GLU A 104 33.32 0.39 10.86
C GLU A 104 33.86 1.63 11.56
N ARG A 105 35.13 1.54 11.98
CA ARG A 105 35.82 2.67 12.61
C ARG A 105 35.94 3.85 11.65
N LYS A 106 36.29 3.58 10.40
CA LYS A 106 36.38 4.60 9.35
C LYS A 106 35.03 5.30 9.12
N TRP A 107 33.97 4.49 9.05
CA TRP A 107 32.62 4.99 8.88
C TRP A 107 32.23 5.94 10.01
N LEU A 108 32.37 5.46 11.25
CA LEU A 108 32.01 6.23 12.44
C LEU A 108 32.84 7.51 12.59
N LYS A 109 34.12 7.44 12.25
CA LYS A 109 34.99 8.62 12.28
C LYS A 109 34.55 9.66 11.24
N LYS A 110 34.26 9.22 10.03
CA LYS A 110 33.74 10.10 8.97
C LYS A 110 32.41 10.74 9.38
N ALA A 111 31.58 9.97 10.07
CA ALA A 111 30.28 10.44 10.54
C ALA A 111 30.38 11.28 11.83
N GLY A 112 31.59 11.57 12.27
CA GLY A 112 31.81 12.37 13.49
C GLY A 112 31.09 11.81 14.70
N ILE A 113 31.19 10.49 14.87
CA ILE A 113 30.56 9.80 15.99
C ILE A 113 31.59 9.56 17.09
N ARG A 114 31.22 9.93 18.32
CA ARG A 114 32.07 9.69 19.48
C ARG A 114 32.22 8.19 19.74
N VAL A 115 33.47 7.73 19.71
CA VAL A 115 33.81 6.33 19.95
C VAL A 115 34.98 6.24 20.93
N PRO A 116 35.17 5.07 21.57
CA PRO A 116 36.34 4.92 22.46
C PRO A 116 37.66 5.07 21.70
N GLU A 117 38.58 5.83 22.26
CA GLU A 117 39.92 5.99 21.70
C GLU A 117 40.65 4.65 21.74
N VAL A 118 41.31 4.30 20.63
CA VAL A 118 42.10 3.08 20.53
C VAL A 118 43.58 3.40 20.77
N TYR A 119 44.23 2.58 21.60
CA TYR A 119 45.66 2.73 21.88
C TYR A 119 46.47 1.61 21.25
N GLU A 120 47.35 1.97 20.33
CA GLU A 120 48.20 0.98 19.65
C GLU A 120 49.39 0.59 20.51
N ASP A 121 49.86 1.53 21.33
CA ASP A 121 51.02 1.33 22.20
C ASP A 121 50.59 1.53 23.65
N PRO A 122 50.75 0.48 24.49
CA PRO A 122 50.40 0.53 25.92
C PRO A 122 51.08 1.66 26.68
N ASP A 123 52.26 2.08 26.22
CA ASP A 123 53.01 3.16 26.87
C ASP A 123 52.37 4.54 26.63
N ASP A 124 51.36 4.59 25.77
CA ASP A 124 50.62 5.83 25.48
C ASP A 124 49.36 6.01 26.33
N ILE A 125 49.08 5.05 27.21
CA ILE A 125 47.91 5.09 28.08
C ILE A 125 48.04 6.24 29.09
N GLU A 126 47.07 7.16 29.09
CA GLU A 126 47.05 8.24 30.08
C GLU A 126 45.70 8.33 30.82
N LYS A 127 44.74 7.53 30.39
CA LYS A 127 43.45 7.41 31.06
C LYS A 127 43.06 5.93 31.12
N PRO A 128 42.23 5.53 32.11
CA PRO A 128 41.86 4.12 32.26
C PRO A 128 41.44 3.46 30.94
N VAL A 129 41.92 2.24 30.72
CA VAL A 129 41.66 1.50 29.49
C VAL A 129 41.10 0.11 29.77
N ILE A 130 40.36 -0.42 28.80
CA ILE A 130 39.93 -1.80 28.81
C ILE A 130 40.83 -2.59 27.85
N VAL A 131 41.35 -3.71 28.34
CA VAL A 131 42.24 -4.56 27.54
C VAL A 131 41.46 -5.81 27.13
N LYS A 132 41.47 -6.07 25.82
CA LYS A 132 40.73 -7.19 25.25
C LYS A 132 41.70 -8.21 24.62
N PRO A 133 42.10 -9.24 25.39
CA PRO A 133 43.01 -10.27 24.88
C PRO A 133 42.30 -11.22 23.90
N GLY A 139 33.54 -11.54 25.27
CA GLY A 139 34.13 -10.57 26.20
C GLY A 139 34.95 -11.20 27.31
N LYS A 140 35.69 -12.26 26.97
CA LYS A 140 36.43 -13.02 27.98
C LYS A 140 37.90 -12.61 28.12
N GLY A 141 38.38 -12.61 29.36
CA GLY A 141 39.73 -12.18 29.68
C GLY A 141 39.90 -10.67 29.81
N TYR A 142 38.80 -9.94 29.66
CA TYR A 142 38.81 -8.47 29.69
C TYR A 142 39.20 -7.94 31.07
N PHE A 143 40.10 -6.96 31.09
CA PHE A 143 40.49 -6.28 32.34
C PHE A 143 40.82 -4.81 32.12
N LEU A 144 40.78 -4.04 33.20
CA LEU A 144 41.09 -2.62 33.15
C LEU A 144 42.53 -2.32 33.56
N ALA A 145 43.08 -1.24 33.00
CA ALA A 145 44.42 -0.76 33.37
C ALA A 145 44.40 0.76 33.51
N LYS A 146 45.03 1.27 34.56
CA LYS A 146 45.04 2.71 34.87
C LYS A 146 46.05 3.49 34.06
N ASP A 147 47.22 2.88 33.86
CA ASP A 147 48.38 3.53 33.24
C ASP A 147 49.32 2.45 32.67
N PRO A 148 50.40 2.87 31.98
CA PRO A 148 51.34 1.87 31.42
C PRO A 148 51.89 0.90 32.45
N GLU A 149 52.25 1.41 33.64
CA GLU A 149 52.82 0.58 34.70
C GLU A 149 51.83 -0.50 35.16
N ASP A 150 50.58 -0.09 35.36
CA ASP A 150 49.50 -1.00 35.73
C ASP A 150 49.26 -2.04 34.64
N PHE A 151 49.30 -1.60 33.39
CA PHE A 151 49.11 -2.49 32.24
C PHE A 151 50.14 -3.62 32.21
N TRP A 152 51.41 -3.26 32.31
CA TRP A 152 52.50 -4.23 32.19
C TRP A 152 52.54 -5.24 33.34
N ARG A 153 52.15 -4.80 34.53
CA ARG A 153 52.01 -5.69 35.68
C ARG A 153 50.93 -6.72 35.43
N LYS A 154 49.80 -6.25 34.89
CA LYS A 154 48.65 -7.12 34.60
C LYS A 154 48.90 -7.98 33.36
N ALA A 155 49.64 -7.44 32.38
CA ALA A 155 50.05 -8.20 31.21
C ALA A 155 50.92 -9.38 31.61
N GLU A 156 51.74 -9.18 32.64
CA GLU A 156 52.55 -10.26 33.19
C GLU A 156 51.68 -11.26 33.97
N LYS A 157 50.84 -10.74 34.86
CA LYS A 157 50.01 -11.55 35.74
C LYS A 157 48.97 -12.39 34.99
N PHE A 158 48.26 -11.77 34.05
CA PHE A 158 47.15 -12.43 33.35
C PHE A 158 47.54 -13.05 32.01
N LEU A 159 48.55 -12.50 31.35
CA LEU A 159 48.90 -12.93 29.99
C LEU A 159 50.30 -13.55 29.88
N GLY A 160 51.07 -13.50 30.97
CA GLY A 160 52.40 -14.10 31.01
C GLY A 160 53.46 -13.32 30.26
N ILE A 161 53.16 -12.07 29.92
CA ILE A 161 54.08 -11.22 29.17
C ILE A 161 55.18 -10.68 30.09
N LYS A 162 56.42 -11.06 29.82
CA LYS A 162 57.56 -10.64 30.63
C LYS A 162 58.47 -9.63 29.91
N ARG A 163 58.34 -9.57 28.59
CA ARG A 163 59.09 -8.63 27.76
C ARG A 163 58.13 -7.88 26.86
N LYS A 164 58.40 -6.59 26.64
CA LYS A 164 57.52 -5.74 25.83
C LYS A 164 57.34 -6.23 24.38
N GLU A 165 58.40 -6.82 23.83
CA GLU A 165 58.36 -7.37 22.47
C GLU A 165 57.50 -8.64 22.34
N ASP A 166 57.13 -9.23 23.47
CA ASP A 166 56.34 -10.47 23.49
C ASP A 166 54.82 -10.24 23.47
N LEU A 167 54.41 -8.99 23.63
CA LEU A 167 52.99 -8.64 23.59
C LEU A 167 52.44 -8.73 22.17
N LYS A 168 51.40 -9.52 21.98
CA LYS A 168 50.81 -9.74 20.64
C LYS A 168 49.29 -9.87 20.66
N ASN A 169 48.67 -9.44 19.56
CA ASN A 169 47.23 -9.57 19.31
C ASN A 169 46.33 -9.24 20.51
N ILE A 170 46.38 -7.99 20.94
CA ILE A 170 45.46 -7.48 21.96
C ILE A 170 44.81 -6.19 21.47
N GLN A 171 43.65 -5.87 22.04
CA GLN A 171 43.01 -4.58 21.83
C GLN A 171 43.13 -3.76 23.11
N ILE A 172 43.52 -2.50 22.97
CA ILE A 172 43.52 -1.56 24.08
C ILE A 172 42.65 -0.36 23.71
N GLN A 173 41.65 -0.11 24.54
CA GLN A 173 40.62 0.87 24.23
C GLN A 173 40.32 1.73 25.45
N GLU A 174 40.08 3.02 25.22
CA GLU A 174 39.57 3.91 26.26
C GLU A 174 38.37 3.24 26.94
N TYR A 175 38.43 3.11 28.25
CA TYR A 175 37.31 2.58 29.02
C TYR A 175 36.28 3.68 29.22
N VAL A 176 35.05 3.42 28.76
CA VAL A 176 33.98 4.41 28.83
C VAL A 176 32.83 3.86 29.67
N LEU A 177 32.64 4.44 30.86
CA LEU A 177 31.58 4.01 31.77
C LEU A 177 30.27 4.78 31.55
N GLY A 178 29.23 4.05 31.19
CA GLY A 178 27.91 4.64 30.99
C GLY A 178 26.84 3.56 30.96
N VAL A 179 25.59 3.99 30.87
CA VAL A 179 24.47 3.06 30.82
C VAL A 179 24.17 2.67 29.36
N PRO A 180 24.00 1.36 29.08
CA PRO A 180 23.71 0.95 27.71
C PRO A 180 22.41 1.57 27.16
N VAL A 181 22.49 2.11 25.95
CA VAL A 181 21.35 2.72 25.26
C VAL A 181 21.43 2.31 23.78
N TYR A 182 20.31 1.89 23.20
CA TYR A 182 20.28 1.45 21.81
C TYR A 182 19.15 2.14 21.02
N PRO A 183 19.44 3.32 20.44
N PRO A 183 19.45 3.31 20.42
CA PRO A 183 18.45 3.98 19.59
CA PRO A 183 18.49 3.99 19.56
C PRO A 183 18.23 3.25 18.26
C PRO A 183 18.24 3.23 18.25
N HIS A 184 16.97 3.11 17.86
CA HIS A 184 16.60 2.42 16.62
C HIS A 184 16.12 3.47 15.62
N TYR A 185 16.79 3.51 14.46
CA TYR A 185 16.50 4.49 13.43
C TYR A 185 15.86 3.81 12.22
N PHE A 186 15.24 4.63 11.37
CA PHE A 186 14.84 4.18 10.03
C PHE A 186 15.07 5.34 9.07
N TYR A 187 15.84 5.07 8.01
CA TYR A 187 15.98 6.05 6.94
C TYR A 187 15.16 5.64 5.72
N SER A 188 14.18 6.47 5.37
CA SER A 188 13.36 6.24 4.19
C SER A 188 14.07 6.81 2.98
N LYS A 189 14.42 5.93 2.04
CA LYS A 189 14.98 6.37 0.76
C LYS A 189 13.88 6.96 -0.13
N VAL A 190 12.66 6.43 0.00
CA VAL A 190 11.50 6.94 -0.75
C VAL A 190 11.22 8.40 -0.39
N ARG A 191 11.25 8.71 0.91
CA ARG A 191 10.94 10.06 1.40
C ARG A 191 12.18 10.91 1.68
N GLU A 192 13.37 10.32 1.61
N GLU A 192 13.36 10.31 1.61
CA GLU A 192 14.63 10.97 1.98
CA GLU A 192 14.64 10.96 1.93
C GLU A 192 14.52 11.63 3.35
C GLU A 192 14.64 11.62 3.31
N GLU A 193 14.22 10.81 4.36
N GLU A 193 14.15 10.89 4.31
CA GLU A 193 13.89 11.28 5.70
CA GLU A 193 14.10 11.41 5.66
C GLU A 193 14.33 10.28 6.76
C GLU A 193 14.35 10.33 6.73
N LEU A 194 14.98 10.76 7.81
CA LEU A 194 15.33 9.90 8.94
C LEU A 194 14.28 10.00 10.05
N GLU A 195 13.97 8.86 10.66
CA GLU A 195 13.06 8.77 11.81
C GLU A 195 13.74 8.08 12.97
N LEU A 196 13.39 8.48 14.18
CA LEU A 196 13.68 7.66 15.37
C LEU A 196 12.47 6.78 15.63
N MET A 197 12.69 5.47 15.58
CA MET A 197 11.60 4.49 15.68
C MET A 197 11.28 4.06 17.11
N SER A 198 12.32 3.99 17.95
CA SER A 198 12.23 3.43 19.30
C SER A 198 13.62 3.36 19.92
N ILE A 199 13.66 3.04 21.21
CA ILE A 199 14.92 2.87 21.94
C ILE A 199 14.76 1.72 22.94
N ASP A 200 15.79 0.89 23.08
CA ASP A 200 15.74 -0.18 24.06
C ASP A 200 17.03 -0.30 24.86
N ARG A 201 16.92 -1.04 25.97
N ARG A 201 17.03 -1.25 25.81
CA ARG A 201 18.06 -1.44 26.75
CA ARG A 201 18.22 -1.68 26.53
C ARG A 201 18.08 -2.95 26.67
C ARG A 201 18.38 -3.21 26.37
N ARG A 202 19.13 -3.46 26.02
N ARG A 202 19.53 -3.66 25.85
CA ARG A 202 19.35 -4.89 25.82
CA ARG A 202 19.76 -5.10 25.71
C ARG A 202 19.58 -5.58 27.17
C ARG A 202 19.90 -5.75 27.08
N TYR A 203 19.15 -6.83 27.28
CA TYR A 203 19.16 -7.60 28.53
C TYR A 203 20.12 -8.78 28.35
N GLU A 204 21.21 -8.79 29.11
CA GLU A 204 22.34 -9.68 28.84
C GLU A 204 22.75 -10.51 30.05
N SER A 205 23.19 -11.74 29.81
CA SER A 205 23.53 -12.70 30.85
C SER A 205 24.98 -13.21 30.66
N ASN A 206 25.77 -13.32 31.72
CA ASN A 206 25.36 -13.10 33.11
C ASN A 206 25.52 -11.65 33.60
N VAL A 207 25.99 -10.76 32.74
CA VAL A 207 26.36 -9.40 33.16
C VAL A 207 25.24 -8.66 33.94
N ASP A 208 23.99 -8.79 33.49
CA ASP A 208 22.88 -8.11 34.18
C ASP A 208 22.37 -8.85 35.42
N ALA A 209 22.95 -10.01 35.72
CA ALA A 209 22.61 -10.77 36.92
C ALA A 209 23.59 -10.52 38.08
N ILE A 210 24.79 -10.05 37.78
CA ILE A 210 25.82 -9.94 38.83
C ILE A 210 25.55 -8.82 39.84
N GLY A 211 24.81 -7.81 39.42
CA GLY A 211 24.40 -6.71 40.30
C GLY A 211 23.53 -7.16 41.46
N ARG A 212 22.87 -8.30 41.30
CA ARG A 212 22.05 -8.90 42.36
C ARG A 212 22.88 -9.71 43.36
N ILE A 213 24.18 -9.87 43.07
CA ILE A 213 25.07 -10.61 43.96
C ILE A 213 25.90 -9.64 44.82
N PRO A 214 25.77 -9.74 46.15
CA PRO A 214 26.56 -8.91 47.06
C PRO A 214 28.05 -9.03 46.77
N ALA A 215 28.77 -7.92 46.91
CA ALA A 215 30.22 -7.88 46.68
C ALA A 215 30.95 -9.02 47.41
N LYS A 216 30.59 -9.23 48.68
CA LYS A 216 31.23 -10.25 49.52
C LYS A 216 31.16 -11.64 48.89
N ASP A 217 29.99 -12.00 48.38
N ASP A 217 29.99 -11.99 48.36
CA ASP A 217 29.78 -13.29 47.72
CA ASP A 217 29.78 -13.29 47.72
C ASP A 217 30.54 -13.39 46.40
C ASP A 217 30.48 -13.41 46.37
N GLN A 218 30.57 -12.29 45.65
CA GLN A 218 31.29 -12.22 44.37
C GLN A 218 32.78 -12.51 44.54
N LEU A 219 33.39 -11.91 45.57
CA LEU A 219 34.84 -11.93 45.77
C LEU A 219 35.40 -13.31 46.11
N GLU A 220 34.53 -14.23 46.52
CA GLU A 220 34.93 -15.60 46.82
C GLU A 220 35.23 -16.41 45.56
N PHE A 221 34.80 -15.88 44.41
CA PHE A 221 34.97 -16.57 43.13
C PHE A 221 35.73 -15.73 42.11
N ASP A 222 36.36 -16.39 41.16
CA ASP A 222 36.86 -15.74 39.95
C ASP A 222 35.65 -15.57 39.04
N MET A 223 35.19 -14.34 38.90
N MET A 223 35.22 -14.33 38.87
CA MET A 223 34.01 -14.04 38.09
CA MET A 223 34.05 -14.03 38.06
C MET A 223 34.34 -14.13 36.60
C MET A 223 34.35 -14.14 36.57
N ASP A 224 33.44 -14.78 35.85
CA ASP A 224 33.57 -14.92 34.41
C ASP A 224 32.38 -14.19 33.79
N ILE A 225 32.57 -12.91 33.47
CA ILE A 225 31.47 -12.07 33.01
C ILE A 225 31.20 -12.31 31.53
N THR A 226 29.93 -12.56 31.23
CA THR A 226 29.50 -12.85 29.87
C THR A 226 28.40 -11.89 29.44
N TYR A 227 28.23 -11.76 28.14
CA TYR A 227 27.35 -10.74 27.57
C TYR A 227 26.38 -11.34 26.56
N THR A 228 25.97 -12.58 26.82
CA THR A 228 25.01 -13.28 25.96
C THR A 228 23.69 -12.51 25.96
N VAL A 229 23.16 -12.24 24.77
CA VAL A 229 21.90 -11.50 24.66
C VAL A 229 20.70 -12.40 24.94
N ILE A 230 19.87 -12.00 25.89
CA ILE A 230 18.69 -12.77 26.30
C ILE A 230 17.39 -12.10 25.85
N GLY A 231 17.38 -10.77 25.90
CA GLY A 231 16.17 -10.04 25.54
C GLY A 231 16.36 -8.54 25.53
N ASN A 232 15.25 -7.82 25.66
CA ASN A 232 15.22 -6.38 25.49
C ASN A 232 14.19 -5.72 26.39
N ILE A 233 14.55 -4.56 26.94
CA ILE A 233 13.69 -3.77 27.83
C ILE A 233 13.45 -2.41 27.18
N PRO A 234 12.17 -1.99 27.09
CA PRO A 234 11.88 -0.68 26.49
C PRO A 234 12.33 0.49 27.36
N ILE A 235 12.88 1.53 26.73
CA ILE A 235 13.20 2.79 27.43
C ILE A 235 12.81 3.99 26.58
N VAL A 236 12.72 5.15 27.22
CA VAL A 236 12.77 6.43 26.50
C VAL A 236 13.97 7.19 27.03
N LEU A 237 14.49 8.10 26.21
CA LEU A 237 15.55 8.99 26.66
C LEU A 237 14.99 10.29 27.22
N ARG A 238 15.80 10.94 28.05
CA ARG A 238 15.61 12.33 28.41
C ARG A 238 15.48 13.12 27.11
N GLU A 239 14.43 13.94 27.01
CA GLU A 239 14.05 14.60 25.76
C GLU A 239 15.16 15.48 25.17
N SER A 240 15.91 16.18 26.02
CA SER A 240 16.99 17.05 25.57
C SER A 240 18.20 16.31 24.97
N LEU A 241 18.18 14.98 25.07
CA LEU A 241 19.25 14.17 24.49
C LEU A 241 18.92 13.69 23.07
N LEU A 242 17.66 13.86 22.66
CA LEU A 242 17.19 13.33 21.38
C LEU A 242 17.83 13.98 20.16
N MET A 243 17.98 15.31 20.17
CA MET A 243 18.49 16.01 19.00
C MET A 243 19.87 15.50 18.59
N ASP A 244 20.76 15.31 19.55
CA ASP A 244 22.12 14.82 19.26
C ASP A 244 22.13 13.35 18.82
N VAL A 245 21.22 12.55 19.37
CA VAL A 245 21.03 11.15 18.97
C VAL A 245 20.57 11.08 17.51
N ILE A 246 19.62 11.93 17.16
CA ILE A 246 19.09 12.00 15.80
C ILE A 246 20.11 12.56 14.80
N GLU A 247 20.81 13.62 15.21
CA GLU A 247 21.89 14.20 14.38
C GLU A 247 22.98 13.16 14.09
N ALA A 248 23.29 12.32 15.08
CA ALA A 248 24.25 11.22 14.89
C ALA A 248 23.77 10.27 13.80
N GLY A 249 22.48 9.93 13.83
CA GLY A 249 21.88 9.10 12.79
C GLY A 249 21.99 9.73 11.41
N GLU A 250 21.72 11.03 11.32
CA GLU A 250 21.82 11.77 10.07
C GLU A 250 23.24 11.72 9.51
N ARG A 251 24.22 11.91 10.38
CA ARG A 251 25.63 11.90 9.97
C ARG A 251 26.07 10.52 9.47
N VAL A 252 25.58 9.46 10.12
CA VAL A 252 25.88 8.08 9.70
C VAL A 252 25.36 7.81 8.28
N VAL A 253 24.13 8.23 8.01
CA VAL A 253 23.51 8.07 6.69
C VAL A 253 24.29 8.86 5.63
N LYS A 254 24.60 10.11 5.93
CA LYS A 254 25.35 10.96 5.02
C LYS A 254 26.72 10.40 4.68
N ALA A 255 27.44 9.91 5.69
CA ALA A 255 28.75 9.28 5.51
C ALA A 255 28.67 8.04 4.61
N ALA A 256 27.62 7.25 4.79
CA ALA A 256 27.41 6.04 3.98
C ALA A 256 27.15 6.35 2.51
N GLU A 257 26.50 7.50 2.25
CA GLU A 257 26.24 7.95 0.89
C GLU A 257 27.54 8.17 0.12
N GLU A 258 28.58 8.60 0.82
CA GLU A 258 29.90 8.81 0.23
C GLU A 258 30.70 7.51 0.12
N LEU A 259 30.67 6.71 1.17
CA LEU A 259 31.57 5.56 1.33
C LEU A 259 31.14 4.25 0.67
N MET A 260 29.84 3.99 0.65
CA MET A 260 29.37 2.63 0.33
C MET A 260 28.11 2.56 -0.53
N GLY A 261 27.73 3.69 -1.13
CA GLY A 261 26.56 3.74 -2.00
C GLY A 261 25.25 3.96 -1.25
N GLY A 262 25.35 4.35 0.03
CA GLY A 262 24.19 4.74 0.81
C GLY A 262 23.77 3.78 1.91
N LEU A 263 23.02 4.31 2.88
CA LEU A 263 22.36 3.51 3.90
C LEU A 263 20.90 3.91 3.95
N TRP A 264 20.02 2.91 3.85
CA TRP A 264 18.60 3.15 4.04
C TRP A 264 17.96 1.97 4.76
N GLY A 265 16.73 2.17 5.21
CA GLY A 265 16.04 1.20 6.05
C GLY A 265 16.47 1.33 7.50
N PRO A 266 16.23 0.29 8.32
CA PRO A 266 16.52 0.38 9.74
C PRO A 266 18.02 0.29 10.05
N PHE A 267 18.43 0.94 11.14
CA PHE A 267 19.75 0.74 11.71
C PHE A 267 19.75 1.12 13.19
N CYS A 268 20.86 0.87 13.86
CA CYS A 268 21.00 1.14 15.28
C CYS A 268 22.44 1.51 15.60
N LEU A 269 22.61 2.48 16.49
CA LEU A 269 23.92 2.80 17.04
C LEU A 269 23.95 2.24 18.44
N GLU A 270 24.91 1.36 18.72
CA GLU A 270 24.97 0.66 19.99
C GLU A 270 26.02 1.28 20.88
N GLY A 271 25.59 1.79 22.03
CA GLY A 271 26.54 2.46 22.92
C GLY A 271 26.08 2.67 24.35
N VAL A 272 26.68 3.67 24.97
CA VAL A 272 26.41 4.03 26.36
C VAL A 272 26.26 5.54 26.53
N PHE A 273 25.48 5.95 27.52
CA PHE A 273 25.41 7.35 27.91
C PHE A 273 26.17 7.57 29.20
N THR A 274 27.15 8.46 29.15
CA THR A 274 28.00 8.78 30.30
C THR A 274 27.30 9.79 31.22
N PRO A 275 27.80 9.96 32.46
CA PRO A 275 27.27 10.97 33.39
C PRO A 275 27.40 12.40 32.86
N ASP A 276 28.25 12.61 31.86
CA ASP A 276 28.41 13.94 31.25
C ASP A 276 27.52 14.10 30.02
N LEU A 277 26.54 13.20 29.87
CA LEU A 277 25.55 13.24 28.80
C LEU A 277 26.13 13.03 27.40
N GLU A 278 27.23 12.30 27.31
CA GLU A 278 27.83 11.90 26.04
C GLU A 278 27.29 10.54 25.62
N PHE A 279 26.82 10.44 24.37
CA PHE A 279 26.53 9.16 23.76
C PHE A 279 27.79 8.65 23.07
N VAL A 280 28.37 7.58 23.62
CA VAL A 280 29.58 6.98 23.06
C VAL A 280 29.22 5.65 22.41
N VAL A 281 29.58 5.52 21.14
CA VAL A 281 29.15 4.37 20.33
C VAL A 281 30.22 3.29 20.24
N PHE A 282 29.82 2.05 20.54
CA PHE A 282 30.70 0.89 20.46
C PHE A 282 30.59 0.19 19.10
N GLU A 283 29.36 0.12 18.57
CA GLU A 283 29.06 -0.64 17.35
C GLU A 283 27.94 0.02 16.56
N ILE A 284 27.97 -0.17 15.24
CA ILE A 284 26.79 0.10 14.42
C ILE A 284 26.20 -1.22 13.91
N SER A 285 24.88 -1.35 14.01
CA SER A 285 24.17 -2.44 13.35
C SER A 285 23.37 -1.84 12.22
N ALA A 286 23.78 -2.12 10.98
CA ALA A 286 23.21 -1.46 9.82
C ALA A 286 22.05 -2.23 9.19
N ARG A 287 21.11 -2.64 10.05
CA ARG A 287 19.87 -3.30 9.66
C ARG A 287 18.96 -3.32 10.90
N ILE A 288 17.82 -3.97 10.80
CA ILE A 288 16.91 -4.09 11.95
C ILE A 288 17.60 -4.78 13.13
N VAL A 289 17.47 -4.20 14.32
CA VAL A 289 17.92 -4.86 15.55
C VAL A 289 16.73 -5.42 16.33
N ALA A 290 16.98 -6.47 17.10
CA ALA A 290 15.91 -7.19 17.77
C ALA A 290 15.27 -6.41 18.92
N GLY A 291 15.95 -5.35 19.39
CA GLY A 291 15.34 -4.41 20.34
C GLY A 291 14.03 -3.82 19.85
N THR A 292 13.87 -3.75 18.52
CA THR A 292 12.63 -3.26 17.91
C THR A 292 11.45 -4.20 18.15
N ASN A 293 11.71 -5.45 18.53
CA ASN A 293 10.67 -6.45 18.81
C ASN A 293 9.69 -6.07 19.90
N ILE A 294 10.10 -5.18 20.81
CA ILE A 294 9.20 -4.71 21.88
C ILE A 294 8.03 -3.91 21.30
N PHE A 295 8.25 -3.33 20.12
CA PHE A 295 7.40 -2.27 19.63
C PHE A 295 6.49 -2.65 18.47
N VAL A 296 6.03 -3.91 18.52
CA VAL A 296 5.01 -4.42 17.60
C VAL A 296 3.77 -3.50 17.57
N ASN A 297 3.35 -2.99 18.72
CA ASN A 297 2.24 -2.04 18.81
C ASN A 297 2.68 -0.57 18.82
N GLY A 298 3.76 -0.26 18.10
CA GLY A 298 4.34 1.08 18.10
C GLY A 298 5.17 1.33 19.34
N SER A 299 5.70 2.55 19.43
CA SER A 299 6.61 2.93 20.51
C SER A 299 6.23 4.32 21.04
N PRO A 300 6.81 4.73 22.18
CA PRO A 300 6.58 6.09 22.67
C PRO A 300 6.99 7.17 21.65
N TYR A 301 7.80 6.80 20.66
CA TYR A 301 8.24 7.73 19.63
C TYR A 301 7.36 7.72 18.38
N THR A 302 6.99 6.54 17.88
CA THR A 302 6.12 6.48 16.70
C THR A 302 4.72 7.05 16.98
N TRP A 303 4.22 6.85 18.20
CA TRP A 303 2.90 7.39 18.57
C TRP A 303 2.88 8.92 18.71
N LEU A 304 4.05 9.54 18.64
CA LEU A 304 4.13 11.00 18.56
C LEU A 304 3.84 11.50 17.15
N ARG A 305 4.02 10.64 16.15
CA ARG A 305 3.89 11.07 14.75
C ARG A 305 2.99 10.23 13.84
N TYR A 306 2.48 9.11 14.34
CA TYR A 306 1.53 8.29 13.59
C TYR A 306 0.21 8.11 14.36
N ASP A 307 -0.86 7.82 13.62
CA ASP A 307 -2.19 7.59 14.19
C ASP A 307 -2.49 6.10 14.37
N ARG A 308 -1.46 5.29 14.19
CA ARG A 308 -1.59 3.83 14.21
C ARG A 308 -0.29 3.22 14.72
N PRO A 309 -0.33 1.94 15.16
CA PRO A 309 0.90 1.29 15.63
C PRO A 309 1.89 1.03 14.49
N VAL A 310 3.11 1.54 14.65
CA VAL A 310 4.15 1.36 13.65
C VAL A 310 5.44 0.80 14.27
N SER A 311 5.64 -0.51 14.10
CA SER A 311 6.89 -1.17 14.46
C SER A 311 7.91 -0.87 13.38
N THR A 312 9.18 -1.21 13.62
CA THR A 312 10.18 -1.12 12.55
C THR A 312 9.81 -2.08 11.41
N GLY A 313 9.32 -3.26 11.77
CA GLY A 313 8.83 -4.25 10.79
C GLY A 313 7.75 -3.67 9.88
N ARG A 314 6.75 -3.03 10.47
CA ARG A 314 5.71 -2.38 9.68
C ARG A 314 6.27 -1.24 8.83
N ARG A 315 7.20 -0.46 9.41
CA ARG A 315 7.84 0.64 8.68
C ARG A 315 8.59 0.16 7.43
N ILE A 316 9.25 -0.99 7.52
CA ILE A 316 9.90 -1.61 6.37
C ILE A 316 8.87 -1.93 5.27
N ALA A 317 7.77 -2.57 5.66
CA ALA A 317 6.71 -2.91 4.71
C ALA A 317 6.06 -1.65 4.12
N MET A 318 5.90 -0.61 4.92
CA MET A 318 5.40 0.69 4.45
C MET A 318 6.30 1.29 3.37
N GLU A 319 7.61 1.23 3.60
CA GLU A 319 8.59 1.71 2.62
C GLU A 319 8.52 0.92 1.32
N ILE A 320 8.47 -0.41 1.41
CA ILE A 320 8.35 -1.25 0.22
C ILE A 320 7.06 -0.92 -0.55
N ARG A 321 5.94 -0.88 0.16
N ARG A 321 5.99 -0.71 0.20
CA ARG A 321 4.64 -0.62 -0.48
CA ARG A 321 4.73 -0.19 -0.33
C ARG A 321 4.67 0.71 -1.23
C ARG A 321 4.86 1.18 -1.01
N GLU A 322 5.16 1.75 -0.54
N GLU A 322 5.37 2.20 -0.32
CA GLU A 322 5.24 3.11 -1.09
CA GLU A 322 5.46 3.50 -0.96
C GLU A 322 6.17 3.18 -2.31
C GLU A 322 6.36 3.43 -2.21
N ALA A 323 7.31 2.51 -2.20
CA ALA A 323 8.24 2.36 -3.34
C ALA A 323 7.53 1.78 -4.57
N ILE A 324 6.74 0.73 -4.35
CA ILE A 324 5.91 0.12 -5.39
C ILE A 324 4.88 1.14 -5.93
N GLU A 325 4.19 1.83 -5.00
CA GLU A 325 3.18 2.82 -5.35
C GLU A 325 3.72 3.96 -6.22
N ASN A 326 4.98 4.33 -5.99
CA ASN A 326 5.61 5.43 -6.73
C ASN A 326 6.59 4.95 -7.79
N ASP A 327 6.47 3.68 -8.19
CA ASP A 327 7.30 3.07 -9.23
C ASP A 327 8.81 3.30 -9.03
N MET A 328 9.28 3.01 -7.82
CA MET A 328 10.70 3.16 -7.50
C MET A 328 11.21 2.04 -6.60
N LEU A 329 10.63 0.85 -6.76
CA LEU A 329 11.03 -0.31 -5.97
C LEU A 329 12.52 -0.63 -6.14
N GLU A 330 13.01 -0.50 -7.37
CA GLU A 330 14.42 -0.81 -7.67
C GLU A 330 15.41 0.06 -6.88
N LYS A 331 14.96 1.26 -6.47
CA LYS A 331 15.80 2.16 -5.68
C LYS A 331 16.06 1.69 -4.24
N VAL A 332 15.15 0.89 -3.68
CA VAL A 332 15.30 0.44 -2.28
C VAL A 332 15.85 -0.99 -2.15
N LEU A 333 16.15 -1.61 -3.29
CA LEU A 333 16.64 -2.98 -3.32
C LEU A 333 18.03 -3.06 -3.93
N THR A 334 18.84 -3.98 -3.41
CA THR A 334 20.12 -4.33 -4.03
C THR A 334 20.23 -5.84 -4.25
N MET B 1 1.47 7.90 -4.70
CA MET B 1 1.17 7.04 -5.88
C MET B 1 1.78 7.62 -7.15
N LYS B 2 2.11 6.74 -8.10
CA LYS B 2 2.76 7.12 -9.37
C LYS B 2 1.80 7.83 -10.34
N VAL B 3 0.52 7.86 -9.96
N VAL B 3 0.50 7.78 -10.03
CA VAL B 3 -0.56 8.37 -10.79
CA VAL B 3 -0.51 8.46 -10.84
C VAL B 3 -1.50 9.24 -9.96
C VAL B 3 -1.47 9.26 -9.97
N ARG B 4 -2.05 10.29 -10.58
CA ARG B 4 -3.11 11.08 -9.96
C ARG B 4 -4.43 10.74 -10.67
N ILE B 5 -5.54 10.85 -9.96
CA ILE B 5 -6.83 10.56 -10.55
C ILE B 5 -7.54 11.86 -10.94
N ALA B 6 -7.98 11.92 -12.20
CA ALA B 6 -8.57 13.12 -12.76
C ALA B 6 -9.93 12.83 -13.40
N THR B 7 -10.81 13.82 -13.37
CA THR B 7 -12.06 13.74 -14.14
C THR B 7 -12.65 15.12 -14.41
N TYR B 8 -13.57 15.16 -15.36
CA TYR B 8 -14.29 16.38 -15.73
C TYR B 8 -15.18 16.83 -14.58
N ALA B 9 -15.25 18.14 -14.36
CA ALA B 9 -15.97 18.71 -13.21
C ALA B 9 -17.48 18.72 -13.42
N SER B 10 -18.08 17.53 -13.40
CA SER B 10 -19.53 17.35 -13.49
C SER B 10 -19.87 15.88 -13.26
N HIS B 11 -21.19 15.59 -13.24
CA HIS B 11 -21.74 14.23 -13.25
C HIS B 11 -21.55 13.41 -11.96
N SER B 12 -20.31 13.09 -11.62
CA SER B 12 -20.00 12.26 -10.45
C SER B 12 -18.59 12.51 -9.94
N ALA B 13 -18.03 13.67 -10.29
CA ALA B 13 -16.67 14.05 -9.90
C ALA B 13 -16.46 14.10 -8.38
N LEU B 14 -17.47 14.56 -7.65
CA LEU B 14 -17.38 14.61 -6.19
C LEU B 14 -17.11 13.23 -5.60
N GLN B 15 -17.94 12.25 -5.99
CA GLN B 15 -17.80 10.86 -5.57
C GLN B 15 -16.47 10.26 -6.03
N ILE B 16 -16.13 10.48 -7.30
CA ILE B 16 -14.90 9.93 -7.89
C ILE B 16 -13.66 10.44 -7.14
N LEU B 17 -13.56 11.75 -6.97
CA LEU B 17 -12.38 12.33 -6.32
C LEU B 17 -12.31 12.05 -4.83
N LYS B 18 -13.46 12.01 -4.15
CA LYS B 18 -13.49 11.57 -2.75
C LYS B 18 -12.98 10.13 -2.61
N GLY B 19 -13.46 9.25 -3.49
CA GLY B 19 -13.00 7.85 -3.51
C GLY B 19 -11.50 7.72 -3.75
N ALA B 20 -10.98 8.55 -4.65
CA ALA B 20 -9.54 8.58 -4.94
C ALA B 20 -8.74 9.04 -3.72
N LYS B 21 -9.21 10.09 -3.05
CA LYS B 21 -8.58 10.57 -1.83
C LYS B 21 -8.56 9.51 -0.73
N ASP B 22 -9.68 8.80 -0.59
CA ASP B 22 -9.81 7.72 0.40
C ASP B 22 -8.80 6.60 0.15
N GLU B 23 -8.37 6.46 -1.10
CA GLU B 23 -7.40 5.42 -1.49
C GLU B 23 -5.96 5.92 -1.61
N GLY B 24 -5.72 7.18 -1.22
CA GLY B 24 -4.36 7.71 -1.15
C GLY B 24 -3.85 8.38 -2.42
N PHE B 25 -4.76 8.69 -3.34
CA PHE B 25 -4.40 9.40 -4.57
C PHE B 25 -4.57 10.91 -4.41
N GLU B 26 -3.72 11.66 -5.11
CA GLU B 26 -3.98 13.08 -5.32
C GLU B 26 -4.98 13.22 -6.47
N THR B 27 -5.77 14.30 -6.43
CA THR B 27 -6.94 14.41 -7.29
C THR B 27 -6.94 15.68 -8.13
N ILE B 28 -7.51 15.57 -9.33
CA ILE B 28 -7.62 16.69 -10.28
C ILE B 28 -9.04 16.76 -10.84
N ALA B 29 -9.66 17.93 -10.74
CA ALA B 29 -10.89 18.21 -11.48
C ALA B 29 -10.59 19.23 -12.56
N PHE B 30 -11.18 19.05 -13.74
CA PHE B 30 -11.05 20.02 -14.81
C PHE B 30 -12.43 20.35 -15.40
N GLY B 31 -12.69 21.63 -15.59
CA GLY B 31 -13.98 22.08 -16.09
C GLY B 31 -14.17 23.58 -16.01
N SER B 32 -15.41 24.00 -15.81
N SER B 32 -15.42 24.00 -15.84
CA SER B 32 -15.79 25.40 -15.80
CA SER B 32 -15.75 25.42 -15.85
C SER B 32 -15.32 26.13 -14.54
C SER B 32 -15.33 26.13 -14.56
N SER B 33 -14.98 27.41 -14.69
CA SER B 33 -14.60 28.26 -13.56
C SER B 33 -15.73 28.43 -12.54
N LYS B 34 -16.97 28.43 -13.03
CA LYS B 34 -18.16 28.60 -12.19
C LYS B 34 -18.31 27.53 -11.10
N VAL B 35 -17.89 26.30 -11.41
CA VAL B 35 -18.07 25.18 -10.47
C VAL B 35 -16.84 24.88 -9.60
N LYS B 36 -15.75 25.60 -9.83
CA LYS B 36 -14.52 25.43 -9.03
C LYS B 36 -14.76 25.38 -7.51
N PRO B 37 -15.59 26.31 -6.95
CA PRO B 37 -15.85 26.28 -5.50
C PRO B 37 -16.52 24.99 -5.01
N LEU B 38 -17.33 24.36 -5.86
CA LEU B 38 -18.00 23.11 -5.48
C LEU B 38 -16.97 22.04 -5.08
N TYR B 39 -15.87 21.99 -5.82
CA TYR B 39 -14.86 20.93 -5.70
C TYR B 39 -13.66 21.30 -4.83
N THR B 40 -13.60 22.56 -4.41
CA THR B 40 -12.45 23.06 -3.65
C THR B 40 -12.83 23.71 -2.32
N LYS B 41 -14.08 24.13 -2.20
CA LYS B 41 -14.55 24.83 -1.00
C LYS B 41 -15.69 24.09 -0.30
N TYR B 42 -16.81 23.91 -1.00
CA TYR B 42 -17.98 23.28 -0.41
C TYR B 42 -17.78 21.79 -0.15
N PHE B 43 -17.13 21.12 -1.10
CA PHE B 43 -16.69 19.74 -0.91
C PHE B 43 -15.25 19.66 -1.41
N PRO B 44 -14.27 19.89 -0.51
CA PRO B 44 -12.87 19.95 -0.93
C PRO B 44 -12.31 18.57 -1.26
N VAL B 45 -12.54 18.12 -2.49
CA VAL B 45 -12.12 16.80 -2.94
C VAL B 45 -11.06 16.86 -4.04
N ALA B 46 -10.86 18.06 -4.60
CA ALA B 46 -9.91 18.26 -5.70
C ALA B 46 -8.68 19.02 -5.26
N ASP B 47 -7.52 18.36 -5.33
CA ASP B 47 -6.24 18.98 -4.97
C ASP B 47 -5.80 19.99 -6.03
N TYR B 48 -6.17 19.71 -7.28
CA TYR B 48 -5.93 20.61 -8.40
C TYR B 48 -7.25 20.85 -9.11
N PHE B 49 -7.50 22.10 -9.47
CA PHE B 49 -8.62 22.41 -10.36
C PHE B 49 -8.10 23.19 -11.56
N ILE B 50 -8.29 22.64 -12.74
CA ILE B 50 -7.86 23.30 -13.98
C ILE B 50 -9.11 23.82 -14.69
N GLU B 51 -9.14 25.13 -14.90
N GLU B 51 -9.15 25.13 -14.91
CA GLU B 51 -10.31 25.79 -15.49
CA GLU B 51 -10.31 25.79 -15.49
C GLU B 51 -10.31 25.70 -17.02
C GLU B 51 -10.32 25.70 -17.03
N GLU B 52 -10.26 24.46 -17.53
CA GLU B 52 -10.27 24.19 -18.97
C GLU B 52 -11.11 22.94 -19.27
N LYS B 53 -11.70 22.89 -20.46
CA LYS B 53 -12.54 21.77 -20.90
C LYS B 53 -11.77 20.44 -20.92
N TYR B 54 -10.59 20.46 -21.56
CA TYR B 54 -9.70 19.29 -21.59
C TYR B 54 -8.24 19.74 -21.70
N PRO B 55 -7.58 19.93 -20.53
CA PRO B 55 -6.19 20.39 -20.48
C PRO B 55 -5.19 19.23 -20.61
N GLU B 56 -5.07 18.69 -21.83
CA GLU B 56 -4.24 17.50 -22.09
C GLU B 56 -2.81 17.63 -21.57
N GLU B 57 -2.12 18.71 -21.93
CA GLU B 57 -0.72 18.93 -21.55
C GLU B 57 -0.51 18.92 -20.03
N GLU B 58 -1.35 19.67 -19.31
CA GLU B 58 -1.26 19.76 -17.86
C GLU B 58 -1.55 18.41 -17.18
N LEU B 59 -2.50 17.67 -17.72
CA LEU B 59 -2.86 16.35 -17.20
C LEU B 59 -1.72 15.35 -17.40
N LEU B 60 -1.08 15.41 -18.56
CA LEU B 60 0.10 14.57 -18.83
C LEU B 60 1.24 14.90 -17.88
N ASN B 61 1.46 16.20 -17.64
CA ASN B 61 2.48 16.67 -16.71
C ASN B 61 2.21 16.27 -15.25
N LEU B 62 0.93 16.17 -14.90
CA LEU B 62 0.52 15.77 -13.56
C LEU B 62 0.34 14.25 -13.40
N ASN B 63 0.75 13.50 -14.42
CA ASN B 63 0.64 12.03 -14.43
C ASN B 63 -0.77 11.52 -14.15
N ALA B 64 -1.75 12.19 -14.74
CA ALA B 64 -3.15 11.89 -14.50
C ALA B 64 -3.64 10.67 -15.26
N VAL B 65 -4.56 9.96 -14.63
CA VAL B 65 -5.40 8.97 -15.29
C VAL B 65 -6.82 9.51 -15.21
N VAL B 66 -7.50 9.56 -16.35
N VAL B 66 -7.50 9.58 -16.36
CA VAL B 66 -8.86 10.12 -16.41
CA VAL B 66 -8.85 10.14 -16.39
C VAL B 66 -9.92 9.05 -16.22
C VAL B 66 -9.93 9.07 -16.24
N VAL B 67 -10.90 9.35 -15.36
CA VAL B 67 -12.04 8.47 -15.15
C VAL B 67 -13.22 9.04 -15.94
N PRO B 68 -13.74 8.27 -16.91
CA PRO B 68 -14.85 8.74 -17.74
C PRO B 68 -16.18 8.74 -16.99
N THR B 69 -17.06 9.66 -17.37
CA THR B 69 -18.40 9.76 -16.80
C THR B 69 -19.40 10.01 -17.92
N GLY B 70 -20.67 10.16 -17.55
CA GLY B 70 -21.72 10.55 -18.50
C GLY B 70 -21.47 11.89 -19.17
N SER B 71 -20.66 12.73 -18.54
CA SER B 71 -20.32 14.05 -19.08
C SER B 71 -19.37 14.00 -20.28
N PHE B 72 -18.74 12.83 -20.51
CA PHE B 72 -17.75 12.69 -21.58
C PHE B 72 -18.35 12.70 -22.98
N VAL B 73 -19.32 11.83 -23.23
CA VAL B 73 -20.06 11.86 -24.50
C VAL B 73 -20.82 13.17 -24.65
N ALA B 74 -21.39 13.65 -23.54
CA ALA B 74 -22.25 14.83 -23.52
C ALA B 74 -21.52 16.16 -23.72
N HIS B 75 -20.34 16.30 -23.12
CA HIS B 75 -19.64 17.60 -23.11
C HIS B 75 -18.29 17.62 -23.83
N LEU B 76 -17.72 16.45 -24.09
CA LEU B 76 -16.41 16.36 -24.77
C LEU B 76 -16.53 15.79 -26.19
N GLY B 77 -17.38 14.78 -26.35
CA GLY B 77 -17.57 14.14 -27.66
C GLY B 77 -16.69 12.92 -27.84
N ILE B 78 -17.21 11.93 -28.56
CA ILE B 78 -16.53 10.64 -28.76
C ILE B 78 -15.17 10.79 -29.47
N GLU B 79 -15.12 11.69 -30.45
CA GLU B 79 -13.89 11.89 -31.23
C GLU B 79 -12.73 12.41 -30.37
N LEU B 80 -13.03 13.37 -29.50
CA LEU B 80 -12.06 13.91 -28.54
C LEU B 80 -11.55 12.80 -27.60
N VAL B 81 -12.48 12.01 -27.07
CA VAL B 81 -12.16 10.95 -26.11
C VAL B 81 -11.28 9.86 -26.73
N GLU B 82 -11.72 9.33 -27.87
CA GLU B 82 -10.98 8.28 -28.57
C GLU B 82 -9.54 8.68 -28.92
N ASN B 83 -9.31 9.98 -29.11
CA ASN B 83 -8.00 10.48 -29.50
C ASN B 83 -7.18 11.09 -28.36
N MET B 84 -7.74 11.11 -27.15
CA MET B 84 -7.06 11.70 -26.01
C MET B 84 -5.76 10.94 -25.67
N LYS B 85 -4.72 11.70 -25.30
CA LYS B 85 -3.40 11.12 -25.03
C LYS B 85 -3.22 10.78 -23.55
N VAL B 86 -4.07 11.36 -22.70
CA VAL B 86 -4.07 11.05 -21.27
C VAL B 86 -4.65 9.64 -21.07
N PRO B 87 -3.97 8.80 -20.26
CA PRO B 87 -4.48 7.47 -19.95
C PRO B 87 -5.92 7.50 -19.42
N TYR B 88 -6.71 6.54 -19.85
CA TYR B 88 -8.15 6.52 -19.67
C TYR B 88 -8.52 5.23 -18.92
N PHE B 89 -9.20 5.37 -17.79
CA PHE B 89 -9.62 4.19 -17.03
C PHE B 89 -10.84 3.52 -17.66
N GLY B 90 -10.61 2.34 -18.21
CA GLY B 90 -11.63 1.62 -18.94
C GLY B 90 -11.23 1.48 -20.40
N ASN B 91 -12.15 0.99 -21.21
CA ASN B 91 -11.92 0.77 -22.63
C ASN B 91 -12.59 1.86 -23.46
N LYS B 92 -11.78 2.74 -24.06
CA LYS B 92 -12.27 3.87 -24.87
C LYS B 92 -13.22 3.45 -26.00
N ARG B 93 -13.05 2.23 -26.49
CA ARG B 93 -13.85 1.69 -27.60
C ARG B 93 -15.33 1.51 -27.28
N VAL B 94 -15.67 1.39 -26.01
N VAL B 94 -15.66 1.40 -26.01
CA VAL B 94 -17.06 1.11 -25.59
CA VAL B 94 -17.02 1.11 -25.56
C VAL B 94 -18.00 2.31 -25.73
C VAL B 94 -17.97 2.30 -25.73
N LEU B 95 -17.42 3.52 -25.72
CA LEU B 95 -18.23 4.75 -25.79
C LEU B 95 -19.08 4.88 -27.06
N ARG B 96 -18.57 4.43 -28.20
CA ARG B 96 -19.35 4.35 -29.44
C ARG B 96 -20.50 3.36 -29.31
N TRP B 97 -20.22 2.21 -28.70
CA TRP B 97 -21.19 1.13 -28.53
C TRP B 97 -22.31 1.49 -27.56
N GLU B 98 -22.04 2.37 -26.60
CA GLU B 98 -23.04 2.79 -25.62
C GLU B 98 -23.90 3.96 -26.10
N SER B 99 -23.39 4.73 -27.06
CA SER B 99 -24.06 5.95 -27.50
C SER B 99 -24.83 5.81 -28.81
N ASP B 100 -24.34 4.95 -29.71
CA ASP B 100 -25.06 4.62 -30.94
C ASP B 100 -26.14 3.60 -30.62
N ARG B 101 -27.40 3.98 -30.86
CA ARG B 101 -28.55 3.13 -30.52
C ARG B 101 -28.56 1.78 -31.24
N ASN B 102 -28.04 1.76 -32.47
CA ASN B 102 -27.94 0.52 -33.25
C ASN B 102 -26.90 -0.44 -32.68
N LEU B 103 -25.71 0.08 -32.35
CA LEU B 103 -24.64 -0.71 -31.75
C LEU B 103 -25.01 -1.17 -30.34
N GLU B 104 -25.70 -0.29 -29.61
CA GLU B 104 -26.19 -0.58 -28.27
C GLU B 104 -27.15 -1.76 -28.28
N ARG B 105 -28.08 -1.77 -29.24
CA ARG B 105 -29.03 -2.87 -29.38
C ARG B 105 -28.32 -4.16 -29.80
N LYS B 106 -27.35 -4.03 -30.69
CA LYS B 106 -26.53 -5.16 -31.14
C LYS B 106 -25.79 -5.82 -29.96
N TRP B 107 -25.26 -4.97 -29.09
CA TRP B 107 -24.57 -5.40 -27.87
C TRP B 107 -25.52 -6.17 -26.95
N LEU B 108 -26.69 -5.58 -26.67
CA LEU B 108 -27.66 -6.19 -25.76
C LEU B 108 -28.19 -7.52 -26.28
N LYS B 109 -28.40 -7.60 -27.59
CA LYS B 109 -28.81 -8.84 -28.26
C LYS B 109 -27.74 -9.92 -28.18
N LYS B 110 -26.48 -9.55 -28.42
CA LYS B 110 -25.36 -10.48 -28.29
C LYS B 110 -25.26 -11.02 -26.86
N ALA B 111 -25.52 -10.15 -25.89
CA ALA B 111 -25.48 -10.49 -24.48
C ALA B 111 -26.75 -11.22 -23.99
N GLY B 112 -27.68 -11.48 -24.90
CA GLY B 112 -28.93 -12.17 -24.55
C GLY B 112 -29.74 -11.45 -23.50
N ILE B 113 -29.81 -10.13 -23.62
CA ILE B 113 -30.55 -9.28 -22.69
C ILE B 113 -31.93 -8.97 -23.25
N ARG B 114 -32.95 -9.08 -22.40
CA ARG B 114 -34.33 -8.75 -22.76
C ARG B 114 -34.45 -7.26 -23.09
N VAL B 115 -34.87 -6.98 -24.32
CA VAL B 115 -35.09 -5.62 -24.81
C VAL B 115 -36.47 -5.54 -25.48
N PRO B 116 -37.03 -4.32 -25.61
CA PRO B 116 -38.30 -4.19 -26.33
C PRO B 116 -38.17 -4.61 -27.80
N GLU B 117 -39.20 -5.29 -28.30
CA GLU B 117 -39.26 -5.69 -29.71
C GLU B 117 -39.31 -4.46 -30.62
N VAL B 118 -38.68 -4.55 -31.78
CA VAL B 118 -38.75 -3.50 -32.79
C VAL B 118 -39.52 -4.01 -34.00
N TYR B 119 -40.51 -3.22 -34.45
CA TYR B 119 -41.29 -3.53 -35.64
C TYR B 119 -40.86 -2.62 -36.79
N GLU B 120 -40.29 -3.22 -37.83
CA GLU B 120 -39.84 -2.47 -39.01
C GLU B 120 -41.02 -2.08 -39.91
N ASP B 121 -41.99 -2.97 -40.01
CA ASP B 121 -43.20 -2.73 -40.78
C ASP B 121 -44.40 -2.61 -39.85
N PRO B 122 -45.11 -1.45 -39.89
CA PRO B 122 -46.26 -1.15 -39.03
C PRO B 122 -47.38 -2.18 -39.09
N ASP B 123 -47.45 -2.95 -40.18
CA ASP B 123 -48.48 -3.99 -40.34
C ASP B 123 -48.20 -5.24 -39.49
N ASP B 124 -47.02 -5.29 -38.87
CA ASP B 124 -46.61 -6.42 -38.04
C ASP B 124 -46.89 -6.20 -36.55
N ILE B 125 -47.55 -5.09 -36.22
CA ILE B 125 -47.88 -4.74 -34.84
C ILE B 125 -48.98 -5.66 -34.28
N GLU B 126 -48.69 -6.29 -33.15
CA GLU B 126 -49.63 -7.19 -32.50
C GLU B 126 -50.05 -6.63 -31.13
N LYS B 127 -49.05 -6.31 -30.30
CA LYS B 127 -49.28 -5.70 -29.00
C LYS B 127 -49.02 -4.19 -29.05
N PRO B 128 -49.53 -3.42 -28.05
CA PRO B 128 -49.33 -1.97 -28.03
C PRO B 128 -47.88 -1.55 -28.24
N VAL B 129 -47.68 -0.50 -29.03
CA VAL B 129 -46.35 -0.03 -29.38
C VAL B 129 -46.17 1.45 -29.07
N ILE B 130 -44.92 1.85 -28.84
CA ILE B 130 -44.56 3.25 -28.70
C ILE B 130 -43.85 3.71 -29.98
N VAL B 131 -44.26 4.86 -30.49
CA VAL B 131 -43.71 5.40 -31.73
C VAL B 131 -42.82 6.60 -31.40
N LYS B 132 -41.57 6.55 -31.88
CA LYS B 132 -40.58 7.57 -31.56
C LYS B 132 -40.15 8.35 -32.80
N GLY B 141 -42.36 13.79 -29.90
CA GLY B 141 -43.63 13.37 -30.46
C GLY B 141 -43.92 11.90 -30.22
N TYR B 142 -43.85 11.49 -28.96
CA TYR B 142 -44.03 10.09 -28.57
C TYR B 142 -45.50 9.77 -28.36
N PHE B 143 -45.99 8.75 -29.06
CA PHE B 143 -47.38 8.32 -28.94
C PHE B 143 -47.54 6.79 -29.03
N LEU B 144 -48.60 6.28 -28.43
CA LEU B 144 -48.87 4.85 -28.40
C LEU B 144 -49.89 4.41 -29.47
N ALA B 145 -49.72 3.20 -29.96
CA ALA B 145 -50.64 2.59 -30.93
C ALA B 145 -50.89 1.13 -30.56
N LYS B 146 -52.16 0.72 -30.62
CA LYS B 146 -52.56 -0.63 -30.17
C LYS B 146 -52.53 -1.70 -31.25
N ASP B 147 -52.80 -1.30 -32.50
CA ASP B 147 -52.84 -2.23 -33.63
C ASP B 147 -52.38 -1.55 -34.93
N PRO B 148 -52.22 -2.32 -36.04
CA PRO B 148 -51.81 -1.73 -37.32
C PRO B 148 -52.73 -0.60 -37.79
N GLU B 149 -54.05 -0.78 -37.61
CA GLU B 149 -55.04 0.23 -38.01
C GLU B 149 -54.91 1.51 -37.19
N ASP B 150 -54.61 1.37 -35.89
CA ASP B 150 -54.45 2.50 -34.99
C ASP B 150 -53.21 3.32 -35.29
N PHE B 151 -52.17 2.64 -35.80
CA PHE B 151 -50.91 3.30 -36.16
C PHE B 151 -51.07 4.27 -37.32
N TRP B 152 -51.70 3.80 -38.40
CA TRP B 152 -51.86 4.60 -39.62
C TRP B 152 -52.73 5.84 -39.42
N ARG B 153 -53.74 5.72 -38.55
CA ARG B 153 -54.62 6.84 -38.21
C ARG B 153 -53.88 7.93 -37.45
N LYS B 154 -53.03 7.52 -36.50
CA LYS B 154 -52.27 8.45 -35.67
C LYS B 154 -51.03 9.02 -36.36
N ALA B 155 -50.55 8.31 -37.39
CA ALA B 155 -49.40 8.76 -38.18
C ALA B 155 -49.74 10.00 -39.01
N GLU B 156 -50.99 10.07 -39.47
CA GLU B 156 -51.48 11.22 -40.24
C GLU B 156 -52.13 12.24 -39.32
N ILE B 170 -38.08 7.18 -38.01
CA ILE B 170 -39.19 6.76 -37.15
C ILE B 170 -38.98 5.32 -36.68
N GLN B 171 -39.05 5.12 -35.36
CA GLN B 171 -38.88 3.79 -34.78
C GLN B 171 -40.16 3.32 -34.07
N ILE B 172 -40.55 2.08 -34.35
CA ILE B 172 -41.72 1.47 -33.71
C ILE B 172 -41.25 0.38 -32.74
N GLN B 173 -41.44 0.62 -31.45
CA GLN B 173 -41.01 -0.31 -30.41
C GLN B 173 -42.17 -0.85 -29.59
N GLU B 174 -42.05 -2.11 -29.19
CA GLU B 174 -42.94 -2.70 -28.19
C GLU B 174 -42.98 -1.83 -26.94
N TYR B 175 -44.18 -1.42 -26.54
CA TYR B 175 -44.36 -0.64 -25.33
C TYR B 175 -44.27 -1.55 -24.11
N VAL B 176 -43.27 -1.29 -23.25
CA VAL B 176 -43.03 -2.11 -22.07
C VAL B 176 -43.33 -1.32 -20.80
N LEU B 177 -44.37 -1.75 -20.07
CA LEU B 177 -44.76 -1.07 -18.84
C LEU B 177 -44.17 -1.72 -17.60
N GLY B 178 -43.32 -0.97 -16.90
CA GLY B 178 -42.71 -1.41 -15.66
C GLY B 178 -42.14 -0.26 -14.86
N VAL B 179 -41.65 -0.57 -13.67
CA VAL B 179 -41.05 0.45 -12.80
C VAL B 179 -39.56 0.64 -13.13
N PRO B 180 -39.12 1.89 -13.28
CA PRO B 180 -37.70 2.13 -13.60
C PRO B 180 -36.76 1.58 -12.52
N VAL B 181 -35.73 0.85 -12.96
N VAL B 181 -35.73 0.87 -12.97
CA VAL B 181 -34.72 0.24 -12.09
CA VAL B 181 -34.71 0.28 -12.09
C VAL B 181 -33.35 0.38 -12.76
C VAL B 181 -33.34 0.38 -12.77
N TYR B 182 -32.34 0.80 -12.00
CA TYR B 182 -31.00 1.03 -12.54
C TYR B 182 -29.92 0.35 -11.68
N PRO B 183 -29.65 -0.94 -11.94
CA PRO B 183 -28.56 -1.61 -11.22
C PRO B 183 -27.19 -1.08 -11.64
N HIS B 184 -26.31 -0.87 -10.65
CA HIS B 184 -24.97 -0.37 -10.89
C HIS B 184 -23.95 -1.49 -10.67
N TYR B 185 -23.15 -1.76 -11.70
CA TYR B 185 -22.17 -2.84 -11.68
C TYR B 185 -20.74 -2.32 -11.62
N PHE B 186 -19.82 -3.21 -11.26
CA PHE B 186 -18.39 -2.96 -11.43
C PHE B 186 -17.71 -4.27 -11.80
N TYR B 187 -17.05 -4.27 -12.95
CA TYR B 187 -16.22 -5.41 -13.33
C TYR B 187 -14.74 -5.09 -13.10
N SER B 188 -14.13 -5.85 -12.20
CA SER B 188 -12.70 -5.70 -11.91
C SER B 188 -11.90 -6.54 -12.90
N LYS B 189 -11.08 -5.87 -13.70
CA LYS B 189 -10.16 -6.57 -14.60
C LYS B 189 -9.00 -7.21 -13.83
N VAL B 190 -8.59 -6.56 -12.73
CA VAL B 190 -7.54 -7.09 -11.86
C VAL B 190 -7.95 -8.44 -11.24
N ARG B 191 -9.17 -8.50 -10.73
CA ARG B 191 -9.67 -9.71 -10.07
C ARG B 191 -10.50 -10.63 -10.98
N GLU B 192 -10.81 -10.16 -12.19
N GLU B 192 -10.81 -10.16 -12.19
CA GLU B 192 -11.68 -10.89 -13.13
CA GLU B 192 -11.69 -10.86 -13.13
C GLU B 192 -12.98 -11.32 -12.42
C GLU B 192 -12.98 -11.29 -12.44
N GLU B 193 -13.64 -10.33 -11.82
N GLU B 193 -13.67 -10.30 -11.88
CA GLU B 193 -14.85 -10.55 -11.03
CA GLU B 193 -14.84 -10.54 -11.03
C GLU B 193 -15.85 -9.42 -11.25
C GLU B 193 -15.85 -9.41 -11.17
N LEU B 194 -17.12 -9.78 -11.33
CA LEU B 194 -18.21 -8.80 -11.40
C LEU B 194 -18.81 -8.58 -10.02
N GLU B 195 -19.14 -7.33 -9.71
CA GLU B 195 -19.83 -6.95 -8.48
C GLU B 195 -21.08 -6.17 -8.78
N LEU B 196 -22.10 -6.34 -7.93
CA LEU B 196 -23.22 -5.41 -7.88
C LEU B 196 -22.92 -4.36 -6.81
N MET B 197 -22.80 -3.10 -7.24
CA MET B 197 -22.37 -2.01 -6.37
C MET B 197 -23.51 -1.35 -5.61
N SER B 198 -24.67 -1.23 -6.28
CA SER B 198 -25.80 -0.46 -5.78
C SER B 198 -26.90 -0.44 -6.84
N ILE B 199 -28.07 0.07 -6.47
CA ILE B 199 -29.21 0.24 -7.38
C ILE B 199 -29.92 1.55 -7.05
N ASP B 200 -30.39 2.25 -8.09
CA ASP B 200 -31.18 3.46 -7.87
C ASP B 200 -32.40 3.57 -8.78
N ARG B 201 -33.26 4.53 -8.46
CA ARG B 201 -34.34 4.95 -9.33
C ARG B 201 -34.07 6.41 -9.69
N ARG B 202 -33.83 6.66 -10.98
N ARG B 202 -33.86 6.66 -10.98
CA ARG B 202 -33.57 8.00 -11.47
CA ARG B 202 -33.60 8.00 -11.49
C ARG B 202 -34.82 8.87 -11.26
C ARG B 202 -34.83 8.90 -11.34
N TYR B 203 -34.61 10.12 -10.87
CA TYR B 203 -35.69 11.06 -10.57
C TYR B 203 -35.78 12.08 -11.69
N GLU B 204 -36.90 12.10 -12.41
CA GLU B 204 -36.99 12.84 -13.67
C GLU B 204 -38.18 13.81 -13.73
N SER B 205 -38.00 14.93 -14.42
CA SER B 205 -39.00 15.99 -14.54
C SER B 205 -39.31 16.29 -16.02
N ASN B 206 -40.58 16.47 -16.38
CA ASN B 206 -41.74 16.52 -15.48
C ASN B 206 -42.40 15.17 -15.21
N VAL B 207 -41.85 14.10 -15.79
CA VAL B 207 -42.51 12.78 -15.75
C VAL B 207 -42.88 12.31 -14.33
N ASP B 208 -42.00 12.50 -13.36
CA ASP B 208 -42.26 12.09 -11.98
C ASP B 208 -43.12 13.10 -11.18
N ALA B 209 -43.50 14.19 -11.82
CA ALA B 209 -44.36 15.19 -11.20
C ALA B 209 -45.83 15.05 -11.59
N ILE B 210 -46.10 14.42 -12.73
CA ILE B 210 -47.48 14.38 -13.26
C ILE B 210 -48.41 13.47 -12.47
N GLY B 211 -47.84 12.48 -11.78
CA GLY B 211 -48.61 11.58 -10.92
C GLY B 211 -49.28 12.30 -9.75
N ARG B 212 -48.75 13.47 -9.41
CA ARG B 212 -49.33 14.31 -8.35
C ARG B 212 -50.48 15.20 -8.86
N ILE B 213 -50.71 15.18 -10.18
CA ILE B 213 -51.78 15.96 -10.79
C ILE B 213 -52.99 15.06 -11.04
N PRO B 214 -54.16 15.42 -10.47
CA PRO B 214 -55.39 14.66 -10.68
C PRO B 214 -55.72 14.55 -12.17
N ALA B 215 -56.26 13.40 -12.57
CA ALA B 215 -56.60 13.13 -13.96
C ALA B 215 -57.44 14.23 -14.60
N LYS B 216 -58.42 14.75 -13.86
CA LYS B 216 -59.31 15.80 -14.37
C LYS B 216 -58.55 17.07 -14.75
N ASP B 217 -57.55 17.42 -13.94
CA ASP B 217 -56.73 18.61 -14.19
C ASP B 217 -55.76 18.39 -15.36
N GLN B 218 -55.25 17.15 -15.46
CA GLN B 218 -54.39 16.76 -16.58
C GLN B 218 -55.09 16.90 -17.93
N LEU B 219 -56.35 16.49 -17.99
CA LEU B 219 -57.11 16.43 -19.24
C LEU B 219 -57.51 17.79 -19.80
N GLU B 220 -57.50 18.81 -18.93
CA GLU B 220 -57.79 20.18 -19.35
C GLU B 220 -56.68 20.79 -20.20
N PHE B 221 -55.54 20.10 -20.25
CA PHE B 221 -54.35 20.61 -20.94
C PHE B 221 -53.73 19.59 -21.88
N ASP B 222 -53.18 20.08 -22.98
CA ASP B 222 -52.34 19.26 -23.86
C ASP B 222 -50.92 19.34 -23.31
N MET B 223 -50.59 18.38 -22.45
CA MET B 223 -49.33 18.40 -21.71
C MET B 223 -48.17 17.81 -22.49
N ASP B 224 -46.98 18.35 -22.24
CA ASP B 224 -45.75 17.89 -22.87
C ASP B 224 -44.90 17.16 -21.84
N ILE B 225 -44.87 15.83 -21.93
CA ILE B 225 -44.13 15.00 -20.98
C ILE B 225 -42.64 15.00 -21.30
N THR B 226 -41.83 15.28 -20.28
CA THR B 226 -40.39 15.37 -20.42
C THR B 226 -39.69 14.48 -19.42
N TYR B 227 -38.43 14.14 -19.72
CA TYR B 227 -37.69 13.14 -18.96
C TYR B 227 -36.33 13.68 -18.51
N THR B 228 -36.28 14.99 -18.23
CA THR B 228 -35.06 15.64 -17.76
C THR B 228 -34.62 15.04 -16.42
N VAL B 229 -33.36 14.63 -16.35
CA VAL B 229 -32.84 14.02 -15.13
C VAL B 229 -32.51 15.07 -14.08
N ILE B 230 -33.12 14.92 -12.91
CA ILE B 230 -32.96 15.86 -11.80
C ILE B 230 -32.12 15.27 -10.67
N GLY B 231 -32.32 13.98 -10.39
CA GLY B 231 -31.66 13.34 -9.27
C GLY B 231 -31.84 11.84 -9.23
N ASN B 232 -31.59 11.26 -8.06
CA ASN B 232 -31.59 9.81 -7.88
C ASN B 232 -32.09 9.42 -6.49
N ILE B 233 -32.84 8.31 -6.44
CA ILE B 233 -33.42 7.79 -5.21
C ILE B 233 -32.88 6.38 -4.98
N PRO B 234 -32.36 6.09 -3.77
CA PRO B 234 -31.84 4.76 -3.49
C PRO B 234 -32.94 3.70 -3.41
N ILE B 235 -32.68 2.53 -3.97
CA ILE B 235 -33.56 1.37 -3.81
C ILE B 235 -32.78 0.08 -3.59
N VAL B 236 -33.45 -0.93 -3.06
CA VAL B 236 -32.96 -2.30 -3.14
C VAL B 236 -33.98 -3.10 -3.92
N LEU B 237 -33.53 -4.18 -4.55
CA LEU B 237 -34.44 -5.08 -5.24
C LEU B 237 -34.87 -6.21 -4.31
N ARG B 238 -36.01 -6.83 -4.65
CA ARG B 238 -36.40 -8.12 -4.13
C ARG B 238 -35.24 -9.10 -4.36
N GLU B 239 -34.84 -9.79 -3.29
CA GLU B 239 -33.62 -10.61 -3.30
C GLU B 239 -33.60 -11.67 -4.40
N SER B 240 -34.76 -12.30 -4.63
CA SER B 240 -34.87 -13.35 -5.66
C SER B 240 -34.68 -12.83 -7.08
N LEU B 241 -34.66 -11.51 -7.25
CA LEU B 241 -34.43 -10.91 -8.57
C LEU B 241 -32.95 -10.64 -8.87
N LEU B 242 -32.12 -10.73 -7.85
CA LEU B 242 -30.70 -10.36 -7.97
C LEU B 242 -29.89 -11.25 -8.91
N MET B 243 -30.12 -12.56 -8.84
CA MET B 243 -29.31 -13.50 -9.62
C MET B 243 -29.40 -13.22 -11.12
N ASP B 244 -30.61 -13.00 -11.62
CA ASP B 244 -30.81 -12.71 -13.04
C ASP B 244 -30.28 -11.33 -13.43
N VAL B 245 -30.35 -10.37 -12.52
CA VAL B 245 -29.78 -9.03 -12.71
C VAL B 245 -28.25 -9.13 -12.81
N ILE B 246 -27.65 -9.94 -11.95
CA ILE B 246 -26.21 -10.15 -11.95
C ILE B 246 -25.75 -10.93 -13.18
N GLU B 247 -26.48 -11.98 -13.54
CA GLU B 247 -26.18 -12.78 -14.74
C GLU B 247 -26.23 -11.93 -16.02
N ALA B 248 -27.19 -10.99 -16.06
CA ALA B 248 -27.29 -10.04 -17.16
C ALA B 248 -25.99 -9.23 -17.29
N GLY B 249 -25.50 -8.73 -16.16
CA GLY B 249 -24.21 -8.03 -16.09
C GLY B 249 -23.05 -8.87 -16.62
N GLU B 250 -23.00 -10.14 -16.22
CA GLU B 250 -21.95 -11.06 -16.67
C GLU B 250 -21.98 -11.24 -18.19
N ARG B 251 -23.19 -11.38 -18.74
CA ARG B 251 -23.36 -11.58 -20.18
C ARG B 251 -22.95 -10.34 -20.98
N VAL B 252 -23.23 -9.16 -20.41
CA VAL B 252 -22.82 -7.89 -21.01
C VAL B 252 -21.29 -7.80 -21.13
N VAL B 253 -20.60 -8.14 -20.05
CA VAL B 253 -19.14 -8.18 -20.03
C VAL B 253 -18.58 -9.16 -21.07
N LYS B 254 -19.12 -10.38 -21.08
N LYS B 254 -19.11 -10.38 -21.08
CA LYS B 254 -18.67 -11.43 -22.00
CA LYS B 254 -18.65 -11.42 -22.02
C LYS B 254 -18.85 -11.02 -23.46
C LYS B 254 -18.86 -11.04 -23.48
N ALA B 255 -20.01 -10.43 -23.77
CA ALA B 255 -20.32 -9.96 -25.14
C ALA B 255 -19.39 -8.83 -25.58
N ALA B 256 -19.00 -7.97 -24.64
CA ALA B 256 -18.07 -6.87 -24.91
C ALA B 256 -16.67 -7.37 -25.27
N GLU B 257 -16.25 -8.48 -24.68
CA GLU B 257 -14.95 -9.10 -24.99
C GLU B 257 -14.86 -9.48 -26.47
N GLU B 258 -15.98 -9.95 -27.02
CA GLU B 258 -16.06 -10.34 -28.42
C GLU B 258 -16.21 -9.13 -29.35
N LEU B 259 -17.06 -8.19 -28.97
CA LEU B 259 -17.47 -7.09 -29.85
C LEU B 259 -16.52 -5.90 -29.91
N MET B 260 -15.91 -5.54 -28.77
CA MET B 260 -15.24 -4.25 -28.65
C MET B 260 -13.91 -4.25 -27.87
N GLY B 261 -13.38 -5.43 -27.60
CA GLY B 261 -12.11 -5.55 -26.87
C GLY B 261 -12.26 -5.50 -25.36
N GLY B 262 -13.48 -5.71 -24.88
CA GLY B 262 -13.74 -5.86 -23.45
C GLY B 262 -14.45 -4.70 -22.78
N LEU B 263 -15.05 -5.00 -21.64
CA LEU B 263 -15.62 -3.98 -20.76
C LEU B 263 -15.14 -4.24 -19.34
N TRP B 264 -14.61 -3.20 -18.70
CA TRP B 264 -14.25 -3.28 -17.29
C TRP B 264 -14.52 -1.94 -16.60
N GLY B 265 -14.53 -1.96 -15.27
CA GLY B 265 -14.89 -0.79 -14.50
C GLY B 265 -16.38 -0.74 -14.29
N PRO B 266 -16.92 0.44 -13.93
CA PRO B 266 -18.35 0.54 -13.66
C PRO B 266 -19.20 0.55 -14.94
N PHE B 267 -20.43 0.05 -14.81
CA PHE B 267 -21.44 0.19 -15.85
C PHE B 267 -22.83 0.04 -15.25
N CYS B 268 -23.86 0.26 -16.07
CA CYS B 268 -25.23 0.21 -15.61
C CYS B 268 -26.14 -0.22 -16.74
N LEU B 269 -27.10 -1.09 -16.43
CA LEU B 269 -28.17 -1.43 -17.35
C LEU B 269 -29.41 -0.65 -16.92
N GLU B 270 -29.96 0.13 -17.85
CA GLU B 270 -31.07 1.02 -17.55
C GLU B 270 -32.36 0.45 -18.14
N GLY B 271 -33.35 0.20 -17.27
CA GLY B 271 -34.61 -0.36 -17.73
C GLY B 271 -35.73 -0.35 -16.73
N VAL B 272 -36.66 -1.29 -16.92
CA VAL B 272 -37.83 -1.42 -16.06
C VAL B 272 -38.06 -2.86 -15.63
N PHE B 273 -38.71 -3.02 -14.47
CA PHE B 273 -39.19 -4.33 -14.04
C PHE B 273 -40.70 -4.41 -14.25
N THR B 274 -41.12 -5.40 -15.02
CA THR B 274 -42.52 -5.62 -15.34
C THR B 274 -43.23 -6.37 -14.22
N PRO B 275 -44.58 -6.41 -14.23
CA PRO B 275 -45.34 -7.19 -13.26
C PRO B 275 -45.06 -8.69 -13.32
N ASP B 276 -44.50 -9.16 -14.42
CA ASP B 276 -44.12 -10.57 -14.59
C ASP B 276 -42.69 -10.86 -14.15
N LEU B 277 -42.10 -9.90 -13.43
CA LEU B 277 -40.74 -10.02 -12.87
C LEU B 277 -39.64 -10.11 -13.93
N GLU B 278 -39.88 -9.50 -15.09
CA GLU B 278 -38.88 -9.40 -16.15
C GLU B 278 -38.14 -8.08 -16.07
N PHE B 279 -36.81 -8.13 -16.15
CA PHE B 279 -36.01 -6.91 -16.29
C PHE B 279 -35.79 -6.63 -17.77
N VAL B 280 -36.48 -5.60 -18.28
CA VAL B 280 -36.39 -5.22 -19.68
C VAL B 280 -35.51 -3.97 -19.81
N VAL B 281 -34.46 -4.08 -20.61
CA VAL B 281 -33.43 -3.04 -20.68
C VAL B 281 -33.62 -2.14 -21.90
N PHE B 282 -33.60 -0.84 -21.65
CA PHE B 282 -33.71 0.16 -22.71
C PHE B 282 -32.34 0.63 -23.20
N GLU B 283 -31.42 0.85 -22.24
CA GLU B 283 -30.11 1.41 -22.53
C GLU B 283 -29.02 0.80 -21.67
N ILE B 284 -27.78 0.89 -22.16
CA ILE B 284 -26.61 0.58 -21.36
C ILE B 284 -25.72 1.81 -21.23
N SER B 285 -25.30 2.10 -20.00
CA SER B 285 -24.27 3.11 -19.78
C SER B 285 -23.01 2.37 -19.39
N ALA B 286 -21.98 2.46 -20.24
CA ALA B 286 -20.77 1.67 -20.08
C ALA B 286 -19.66 2.44 -19.37
N ARG B 287 -20.04 3.05 -18.25
CA ARG B 287 -19.14 3.76 -17.34
C ARG B 287 -19.96 4.10 -16.09
N ILE B 288 -19.37 4.84 -15.16
CA ILE B 288 -20.06 5.23 -13.93
C ILE B 288 -21.33 6.02 -14.26
N VAL B 289 -22.44 5.67 -13.61
CA VAL B 289 -23.66 6.47 -13.69
C VAL B 289 -23.86 7.27 -12.40
N ALA B 290 -24.56 8.39 -12.50
CA ALA B 290 -24.68 9.31 -11.38
C ALA B 290 -25.57 8.80 -10.24
N GLY B 291 -26.37 7.77 -10.51
CA GLY B 291 -27.10 7.08 -9.46
C GLY B 291 -26.21 6.55 -8.34
N THR B 292 -24.95 6.27 -8.68
CA THR B 292 -23.96 5.84 -7.68
C THR B 292 -23.63 6.95 -6.66
N ASN B 293 -23.94 8.20 -7.00
CA ASN B 293 -23.70 9.34 -6.10
C ASN B 293 -24.38 9.25 -4.73
N ILE B 294 -25.47 8.50 -4.64
CA ILE B 294 -26.17 8.29 -3.35
C ILE B 294 -25.28 7.54 -2.37
N PHE B 295 -24.35 6.74 -2.89
CA PHE B 295 -23.66 5.73 -2.09
C PHE B 295 -22.19 6.03 -1.77
N VAL B 296 -21.92 7.32 -1.51
CA VAL B 296 -20.62 7.76 -1.01
C VAL B 296 -20.21 6.97 0.25
N ASN B 297 -21.17 6.71 1.15
CA ASN B 297 -20.92 5.93 2.36
C ASN B 297 -21.27 4.45 2.18
N GLY B 298 -21.08 3.95 0.96
CA GLY B 298 -21.43 2.57 0.63
C GLY B 298 -22.91 2.40 0.37
N SER B 299 -23.30 1.16 0.09
CA SER B 299 -24.68 0.85 -0.26
C SER B 299 -25.16 -0.39 0.51
N PRO B 300 -26.48 -0.68 0.47
CA PRO B 300 -26.99 -1.91 1.08
C PRO B 300 -26.34 -3.18 0.54
N TYR B 301 -25.70 -3.08 -0.64
CA TYR B 301 -25.02 -4.21 -1.27
C TYR B 301 -23.53 -4.31 -0.93
N THR B 302 -22.81 -3.19 -0.98
CA THR B 302 -21.38 -3.21 -0.62
C THR B 302 -21.17 -3.58 0.85
N TRP B 303 -22.08 -3.12 1.72
CA TRP B 303 -21.99 -3.44 3.15
C TRP B 303 -22.28 -4.91 3.47
N LEU B 304 -22.72 -5.66 2.46
CA LEU B 304 -22.84 -7.12 2.58
C LEU B 304 -21.48 -7.81 2.42
N ARG B 305 -20.54 -7.14 1.74
CA ARG B 305 -19.26 -7.77 1.42
C ARG B 305 -17.98 -6.98 1.76
N TYR B 306 -18.15 -5.75 2.25
CA TYR B 306 -17.01 -4.95 2.72
C TYR B 306 -17.18 -4.53 4.17
N ASP B 307 -16.06 -4.27 4.85
CA ASP B 307 -16.05 -3.80 6.24
C ASP B 307 -15.89 -2.28 6.34
N ARG B 308 -16.02 -1.61 5.20
CA ARG B 308 -15.85 -0.17 5.11
C ARG B 308 -16.75 0.38 4.00
N PRO B 309 -17.04 1.70 4.01
CA PRO B 309 -17.85 2.30 2.94
C PRO B 309 -17.14 2.26 1.58
N VAL B 310 -17.81 1.68 0.59
CA VAL B 310 -17.26 1.60 -0.77
C VAL B 310 -18.28 2.11 -1.79
N SER B 311 -18.07 3.34 -2.25
CA SER B 311 -18.82 3.89 -3.37
C SER B 311 -18.25 3.31 -4.65
N THR B 312 -18.91 3.54 -5.78
CA THR B 312 -18.34 3.17 -7.08
C THR B 312 -17.06 3.96 -7.33
N GLY B 313 -17.07 5.24 -6.94
CA GLY B 313 -15.88 6.09 -7.01
C GLY B 313 -14.69 5.51 -6.25
N ARG B 314 -14.93 5.05 -5.03
CA ARG B 314 -13.88 4.41 -4.25
C ARG B 314 -13.42 3.11 -4.90
N ARG B 315 -14.37 2.33 -5.42
CA ARG B 315 -14.07 1.06 -6.09
C ARG B 315 -13.15 1.24 -7.31
N ILE B 316 -13.38 2.31 -8.07
CA ILE B 316 -12.51 2.69 -9.18
C ILE B 316 -11.09 2.92 -8.69
N ALA B 317 -10.95 3.72 -7.63
CA ALA B 317 -9.63 4.01 -7.06
C ALA B 317 -8.96 2.76 -6.51
N MET B 318 -9.76 1.88 -5.91
CA MET B 318 -9.27 0.60 -5.39
C MET B 318 -8.70 -0.27 -6.50
N GLU B 319 -9.41 -0.32 -7.63
CA GLU B 319 -8.96 -1.05 -8.82
C GLU B 319 -7.64 -0.48 -9.36
N ILE B 320 -7.56 0.84 -9.49
CA ILE B 320 -6.33 1.50 -9.97
C ILE B 320 -5.15 1.18 -9.02
N ARG B 321 -5.38 1.30 -7.71
N ARG B 321 -5.39 1.30 -7.72
CA ARG B 321 -4.34 0.98 -6.72
CA ARG B 321 -4.41 0.96 -6.70
C ARG B 321 -3.89 -0.48 -6.82
C ARG B 321 -3.93 -0.48 -6.83
N GLU B 322 -4.84 -1.41 -6.84
N GLU B 322 -4.87 -1.42 -6.83
CA GLU B 322 -4.53 -2.84 -6.93
CA GLU B 322 -4.50 -2.84 -6.90
C GLU B 322 -3.77 -3.21 -8.21
C GLU B 322 -3.71 -3.15 -8.18
N ALA B 323 -4.09 -2.51 -9.30
CA ALA B 323 -3.37 -2.68 -10.57
C ALA B 323 -1.91 -2.24 -10.45
N ILE B 324 -1.69 -1.09 -9.80
CA ILE B 324 -0.33 -0.60 -9.52
C ILE B 324 0.41 -1.58 -8.62
N GLU B 325 -0.24 -2.01 -7.54
CA GLU B 325 0.33 -2.99 -6.58
C GLU B 325 0.73 -4.32 -7.23
N ASN B 326 -0.01 -4.72 -8.26
N ASN B 326 -0.01 -4.72 -8.26
CA ASN B 326 0.23 -5.98 -8.95
CA ASN B 326 0.24 -5.99 -8.94
C ASN B 326 0.90 -5.80 -10.32
C ASN B 326 0.98 -5.84 -10.27
N ASP B 327 1.49 -4.63 -10.52
CA ASP B 327 2.24 -4.30 -11.76
C ASP B 327 1.48 -4.61 -13.05
N MET B 328 0.22 -4.15 -13.11
CA MET B 328 -0.64 -4.41 -14.26
C MET B 328 -1.53 -3.22 -14.59
N LEU B 329 -1.05 -2.02 -14.28
CA LEU B 329 -1.80 -0.79 -14.53
C LEU B 329 -2.15 -0.62 -16.00
N GLU B 330 -1.23 -1.00 -16.89
CA GLU B 330 -1.44 -0.92 -18.33
C GLU B 330 -2.67 -1.71 -18.81
N LYS B 331 -3.01 -2.78 -18.09
CA LYS B 331 -4.15 -3.64 -18.44
C LYS B 331 -5.51 -2.99 -18.20
N VAL B 332 -5.57 -1.99 -17.31
CA VAL B 332 -6.83 -1.34 -16.99
C VAL B 332 -7.01 0.03 -17.65
N LEU B 333 -5.99 0.46 -18.41
CA LEU B 333 -6.01 1.74 -19.10
C LEU B 333 -5.99 1.58 -20.61
N THR B 334 -6.64 2.50 -21.32
CA THR B 334 -6.54 2.58 -22.78
C THR B 334 -6.21 4.01 -23.22
NA NA C . 28.74 -3.60 13.59
CL CL D . 20.33 -7.16 16.92
P AMP E . 32.92 -6.58 23.01
O1P AMP E . 33.44 -8.00 23.16
O2P AMP E . 33.94 -5.59 22.51
O3P AMP E . 31.57 -6.49 22.34
O5' AMP E . 32.66 -6.12 24.52
C5' AMP E . 31.76 -6.83 25.37
C4' AMP E . 31.07 -5.82 26.29
O4' AMP E . 32.03 -5.09 27.05
C3' AMP E . 30.29 -4.79 25.51
O3' AMP E . 28.95 -5.22 25.23
C2' AMP E . 30.33 -3.57 26.41
O2' AMP E . 29.26 -3.60 27.35
C1' AMP E . 31.66 -3.71 27.14
N9 AMP E . 32.68 -2.83 26.50
C8 AMP E . 33.30 -3.05 25.33
N7 AMP E . 34.17 -2.05 25.03
C5 AMP E . 34.10 -1.16 26.03
C6 AMP E . 34.76 0.13 26.35
N6 AMP E . 35.67 0.67 25.50
N1 AMP E . 34.42 0.75 27.50
C2 AMP E . 33.51 0.21 28.35
N3 AMP E . 32.87 -0.95 28.12
C4 AMP E . 33.12 -1.67 27.01
O5 AMZ F . 17.39 -9.63 21.32
O5 AMZ F . 17.33 -9.53 21.60
C6 AMZ F . 18.42 -9.14 20.83
C6 AMZ F . 18.32 -9.08 21.03
N2 AMZ F . 18.90 -7.95 21.18
N2 AMZ F . 18.77 -7.83 21.21
C3A AMZ F . 19.22 -9.90 19.76
C3A AMZ F . 19.12 -9.94 20.05
C7A AMZ F . 20.46 -9.58 19.22
C7A AMZ F . 20.43 -9.76 19.62
N3 AMZ F . 21.22 -8.53 19.53
N3 AMZ F . 21.25 -8.77 19.97
N1 AMZ F . 18.79 -11.01 19.18
N1 AMZ F . 18.64 -11.04 19.48
C5 AMZ F . 19.74 -11.38 18.31
C5 AMZ F . 19.61 -11.53 18.70
N AMZ F . 20.75 -10.52 18.33
N AMZ F . 20.70 -10.76 18.78
C1 AMZ F . 21.98 -10.59 17.47
C1 AMZ F . 21.98 -10.99 18.06
C2 AMZ F . 23.14 -11.31 18.19
C2 AMZ F . 22.60 -12.29 18.58
C3 AMZ F . 23.03 -12.73 17.67
C3 AMZ F . 23.34 -12.84 17.35
O2 AMZ F . 24.30 -13.37 17.71
O2 AMZ F . 24.68 -12.34 17.29
O1 AMZ F . 24.38 -10.73 17.77
O1 AMZ F . 23.51 -12.00 19.64
O AMZ F . 21.70 -11.35 16.26
O AMZ F . 21.66 -11.24 16.67
C AMZ F . 22.56 -12.52 16.23
C AMZ F . 22.53 -12.29 16.16
C4 AMZ F . 21.72 -13.70 15.75
C4 AMZ F . 21.63 -13.38 15.53
O3 AMZ F . 20.69 -14.03 16.69
O3 AMZ F . 20.63 -13.82 16.46
P AMZ F . 20.12 -15.51 16.77
P AMZ F . 20.03 -15.31 16.38
OP1 AMZ F . 19.53 -15.96 15.49
OP1 AMZ F . 19.35 -15.53 15.08
O4 AMZ F . 21.34 -16.45 17.26
O4 AMZ F . 21.25 -16.35 16.64
OP2 AMZ F . 19.05 -15.52 17.99
OP2 AMZ F . 19.04 -15.48 17.65
C1 MPD G . 36.81 -5.92 33.11
C2 MPD G . 35.33 -5.57 33.22
O2 MPD G . 35.17 -4.65 34.34
CM MPD G . 34.54 -6.83 33.50
C3 MPD G . 34.91 -4.88 31.93
C4 MPD G . 33.50 -4.30 31.93
O4 MPD G . 33.33 -3.37 32.98
C5 MPD G . 33.20 -3.61 30.60
C1 MPD H . 37.48 3.97 35.80
C2 MPD H . 36.43 4.07 36.91
O2 MPD H . 35.17 4.49 36.33
CM MPD H . 36.87 5.12 37.92
C3 MPD H . 36.25 2.73 37.63
C4 MPD H . 35.59 1.63 36.80
O4 MPD H . 34.27 1.99 36.47
C5 MPD H . 35.58 0.30 37.56
NA NA I . -26.39 4.34 -23.59
CL CL J . -25.56 8.66 -15.78
P AMP K . -35.99 7.54 -25.22
O1P AMP K . -36.10 8.94 -25.78
O2P AMP K . -36.13 6.45 -26.26
O3P AMP K . -34.85 7.36 -24.26
O5' AMP K . -37.32 7.37 -24.31
C5' AMP K . -37.63 8.31 -23.29
C4' AMP K . -38.37 7.61 -22.16
O4' AMP K . -39.50 6.88 -22.66
C3' AMP K . -37.51 6.59 -21.44
O3' AMP K . -36.82 7.19 -20.33
C2' AMP K . -38.47 5.51 -21.01
O2' AMP K . -38.98 5.80 -19.70
C1' AMP K . -39.60 5.61 -22.01
N9 AMP K . -39.50 4.51 -23.01
C8 AMP K . -38.59 4.42 -24.01
N7 AMP K . -38.76 3.29 -24.74
C5 AMP K . -39.79 2.61 -24.19
C6 AMP K . -40.49 1.33 -24.47
N6 AMP K . -40.11 0.53 -25.50
N1 AMP K . -41.52 0.99 -23.67
C2 AMP K . -41.91 1.78 -22.63
N3 AMP K . -41.31 2.95 -22.33
C4 AMP K . -40.27 3.41 -23.05
O5 AMZ L . -28.69 11.88 -11.76
O5 AMZ L . -28.22 12.23 -11.89
C6 AMZ L . -28.52 11.24 -12.79
C6 AMZ L . -28.23 11.53 -12.90
N2 AMZ L . -28.94 10.00 -12.97
N2 AMZ L . -28.84 10.36 -12.99
C3A AMZ L . -27.79 11.88 -13.98
C3A AMZ L . -27.48 12.00 -14.16
C7A AMZ L . -27.90 11.54 -15.32
C7A AMZ L . -27.50 11.43 -15.43
N3 AMZ L . -28.65 10.57 -15.83
N3 AMZ L . -28.19 10.36 -15.81
N1 AMZ L . -26.94 12.90 -13.88
N1 AMZ L . -26.68 13.06 -14.20
C5 AMZ L . -26.52 13.17 -15.12
C5 AMZ L . -26.20 13.15 -15.45
N AMZ L . -27.10 12.35 -16.00
N AMZ L . -26.70 12.17 -16.20
C1 AMZ L . -26.87 12.36 -17.47
C1 AMZ L . -26.40 11.94 -17.66
C2 AMZ L . -27.46 13.63 -18.07
C2 AMZ L . -27.41 12.60 -18.59
C3 AMZ L . -26.53 13.93 -19.25
C3 AMZ L . -26.76 13.93 -18.90
O2 AMZ L . -27.01 13.31 -20.44
O2 AMZ L . -27.20 14.44 -20.17
O1 AMZ L . -28.79 13.39 -18.53
O1 AMZ L . -27.54 11.80 -19.78
O AMZ L . -25.45 12.44 -17.69
O AMZ L . -25.09 12.52 -17.98
C AMZ L . -25.19 13.29 -18.85
C AMZ L . -25.28 13.55 -18.99
C4 AMZ L . -24.15 14.36 -18.43
C4 AMZ L . -24.40 14.75 -18.60
O3 AMZ L . -24.53 15.01 -17.20
O3 AMZ L . -24.89 15.37 -17.41
P AMZ L . -24.29 16.59 -17.01
P AMZ L . -24.33 16.80 -16.96
OP1 AMZ L . -22.85 16.93 -16.96
OP1 AMZ L . -22.85 16.79 -16.77
O4 AMZ L . -25.06 17.35 -18.20
O4 AMZ L . -24.81 17.89 -18.05
OP2 AMZ L . -25.07 17.03 -15.66
OP2 AMZ L . -25.11 17.18 -15.59
C1 MPD M . -50.58 -0.74 -23.04
C2 MPD M . -51.19 -0.67 -21.63
O2 MPD M . -50.16 -1.04 -20.68
CM MPD M . -52.32 -1.69 -21.52
C3 MPD M . -51.73 0.73 -21.35
C4 MPD M . -50.70 1.69 -20.75
O4 MPD M . -50.78 1.63 -19.35
C5 MPD M . -50.95 3.11 -21.23
#